data_3G6Z
#
_entry.id   3G6Z
#
_cell.length_a   67.503
_cell.length_b   94.751
_cell.length_c   119.832
_cell.angle_alpha   90.00
_cell.angle_beta   90.00
_cell.angle_gamma   90.00
#
_symmetry.space_group_name_H-M   'P 21 21 21'
#
loop_
_entity.id
_entity.type
_entity.pdbx_description
1 polymer Renin
2 non-polymer (1R,5S)-N-cyclopropyl-7-{4-[2-(2,6-dichloro-4-methylphenoxy)ethoxy]phenyl}-N-(2,3-dimethylbenzyl)-3,9-diazabicyclo[3.3.1]non-6-ene-6-carboxamide
3 non-polymer 2-acetamido-2-deoxy-beta-D-glucopyranose
4 water water
#
_entity_poly.entity_id   1
_entity_poly.type   'polypeptide(L)'
_entity_poly.pdbx_seq_one_letter_code
;LTLGNTTSSVILTNYMDTQYYGEIGIGTPPQTFKVVFDTGSSNVWVPSSKCSRLYTACVYHKLFDASDSSSYKHNGTELT
LRYSTGTVSGFLSQDIITVGGITVTQMFGEVTEMPALPFMLAEFDGVVGMGFIEQAIGRVTPIFDNIISQGVLKEDVFSF
YYNRDSENSQSLGGQIVLGGSDPQHYEGNFHYINLIKTGVWQIQMKGVSVGSSTLLCEDGCLALVDTGASYISGSTSSIE
KLMEALGAKKRLFDYVVKCNEGPTLPDISFHLGGKEYTLTSADYVFQESYSSKKLCTLAIHAMDIPPPTGPTWALGATFI
RKFYTEFDRRNNRIGFALARH
;
_entity_poly.pdbx_strand_id   A,B
#
loop_
_chem_comp.id
_chem_comp.type
_chem_comp.name
_chem_comp.formula
A7T non-polymer (1R,5S)-N-cyclopropyl-7-{4-[2-(2,6-dichloro-4-methylphenoxy)ethoxy]phenyl}-N-(2,3-dimethylbenzyl)-3,9-diazabicyclo[3.3.1]non-6-ene-6-carboxamide 'C35 H39 Cl2 N3 O3'
NAG D-saccharide, beta linking 2-acetamido-2-deoxy-beta-D-glucopyranose 'C8 H15 N O6'
#
# COMPACT_ATOMS: atom_id res chain seq x y z
N LEU A 1 23.90 -11.99 35.22
CA LEU A 1 23.44 -11.72 36.61
C LEU A 1 22.54 -10.51 36.61
N THR A 2 21.49 -10.60 37.40
CA THR A 2 20.58 -9.49 37.63
C THR A 2 20.43 -9.20 39.12
N LEU A 3 20.09 -7.95 39.41
CA LEU A 3 19.81 -7.47 40.73
C LEU A 3 18.32 -7.21 40.90
N GLY A 4 17.52 -7.82 40.02
CA GLY A 4 16.07 -7.82 40.20
C GLY A 4 15.34 -6.56 39.80
N ASN A 5 15.91 -5.76 38.91
CA ASN A 5 15.26 -4.54 38.45
C ASN A 5 15.47 -4.27 36.95
N THR A 6 15.64 -5.31 36.15
CA THR A 6 15.97 -5.16 34.74
C THR A 6 14.73 -5.29 33.85
N THR A 7 14.56 -4.36 32.92
CA THR A 7 13.59 -4.58 31.83
C THR A 7 14.25 -4.36 30.46
N SER A 8 13.49 -4.59 29.40
CA SER A 8 13.95 -4.18 28.08
C SER A 8 12.78 -3.82 27.15
N SER A 9 13.07 -2.98 26.17
CA SER A 9 12.01 -2.50 25.34
C SER A 9 12.32 -2.69 23.85
N VAL A 10 11.25 -2.74 23.06
CA VAL A 10 11.34 -2.89 21.62
C VAL A 10 10.52 -1.77 20.97
N ILE A 11 11.13 -1.02 20.08
CA ILE A 11 10.48 0.16 19.48
C ILE A 11 9.70 -0.32 18.23
N LEU A 12 8.47 0.13 18.07
CA LEU A 12 7.64 -0.30 16.94
C LEU A 12 7.43 0.79 15.91
N THR A 13 7.32 0.38 14.65
CA THR A 13 6.88 1.25 13.57
C THR A 13 5.40 1.01 13.32
N ASN A 14 4.64 2.10 13.15
CA ASN A 14 3.23 2.09 12.78
C ASN A 14 3.00 2.26 11.27
N TYR A 15 2.52 1.19 10.64
CA TYR A 15 2.15 1.26 9.24
C TYR A 15 0.62 1.30 9.13
N MET A 16 0.11 2.48 8.77
CA MET A 16 -1.29 2.73 8.44
C MET A 16 -2.31 2.48 9.54
N ASP A 17 -1.85 2.40 10.80
CA ASP A 17 -2.71 2.05 11.93
C ASP A 17 -3.17 0.58 11.89
N THR A 18 -2.59 -0.20 10.97
CA THR A 18 -3.05 -1.59 10.75
C THR A 18 -1.99 -2.62 11.01
N GLN A 19 -0.71 -2.22 10.96
CA GLN A 19 0.44 -3.11 11.17
C GLN A 19 1.56 -2.44 11.98
N TYR A 20 1.91 -3.03 13.12
CA TYR A 20 2.86 -2.40 14.03
C TYR A 20 4.00 -3.39 14.20
N TYR A 21 5.20 -3.03 13.74
CA TYR A 21 6.28 -4.00 13.76
C TYR A 21 7.60 -3.50 14.31
N GLY A 22 8.36 -4.46 14.86
CA GLY A 22 9.69 -4.20 15.42
C GLY A 22 10.71 -5.00 14.64
N GLU A 23 11.98 -4.84 14.97
CA GLU A 23 13.03 -5.60 14.30
C GLU A 23 13.63 -6.57 15.30
N ILE A 24 13.93 -7.78 14.84
CA ILE A 24 14.66 -8.81 15.63
C ILE A 24 15.80 -9.34 14.77
N GLY A 25 16.83 -9.89 15.40
CA GLY A 25 17.92 -10.55 14.65
C GLY A 25 17.83 -12.06 14.75
N ILE A 26 18.08 -12.78 13.66
CA ILE A 26 18.19 -14.24 13.70
C ILE A 26 19.55 -14.74 13.19
N GLY A 27 20.28 -15.45 14.07
CA GLY A 27 21.52 -16.13 13.72
C GLY A 27 22.80 -15.37 14.01
N THR A 28 23.92 -15.93 13.52
CA THR A 28 25.25 -15.38 13.72
C THR A 28 25.99 -15.40 12.39
N PRO A 29 26.22 -14.23 11.77
CA PRO A 29 25.90 -12.91 12.31
C PRO A 29 24.40 -12.62 12.13
N PRO A 30 23.82 -11.70 12.95
CA PRO A 30 22.37 -11.45 12.87
C PRO A 30 21.83 -11.15 11.46
N GLN A 31 20.78 -11.88 11.09
CA GLN A 31 19.94 -11.54 9.95
C GLN A 31 18.67 -10.85 10.47
N THR A 32 18.40 -9.61 10.03
CA THR A 32 17.30 -8.77 10.57
C THR A 32 15.95 -9.01 9.92
N PHE A 33 14.91 -9.08 10.74
CA PHE A 33 13.53 -9.18 10.23
C PHE A 33 12.65 -8.17 10.91
N LYS A 34 11.72 -7.60 10.12
CA LYS A 34 10.58 -6.84 10.64
C LYS A 34 9.52 -7.85 11.06
N VAL A 35 9.08 -7.79 12.31
CA VAL A 35 8.06 -8.70 12.81
C VAL A 35 6.94 -7.99 13.57
N VAL A 36 5.74 -8.54 13.45
CA VAL A 36 4.59 -8.20 14.28
C VAL A 36 4.62 -9.09 15.52
N PHE A 37 4.45 -8.47 16.70
CA PHE A 37 4.39 -9.19 17.97
C PHE A 37 2.92 -9.42 18.35
N ASP A 38 2.50 -10.69 18.36
CA ASP A 38 1.08 -11.11 18.25
C ASP A 38 0.64 -11.99 19.44
N THR A 39 -0.25 -11.45 20.28
CA THR A 39 -0.77 -12.13 21.46
C THR A 39 -1.85 -13.19 21.12
N GLY A 40 -2.32 -13.20 19.88
CA GLY A 40 -3.23 -14.26 19.40
C GLY A 40 -2.59 -15.46 18.70
N SER A 41 -1.27 -15.62 18.84
CA SER A 41 -0.58 -16.82 18.35
C SER A 41 0.72 -17.02 19.12
N SER A 42 1.35 -18.20 19.00
CA SER A 42 2.45 -18.60 19.86
C SER A 42 3.66 -19.17 19.15
N ASN A 43 3.72 -19.01 17.82
CA ASN A 43 4.86 -19.49 17.07
C ASN A 43 5.62 -18.32 16.42
N VAL A 44 6.95 -18.49 16.30
CA VAL A 44 7.82 -17.59 15.52
C VAL A 44 7.91 -18.09 14.08
N TRP A 45 7.52 -17.25 13.12
CA TRP A 45 7.59 -17.57 11.71
C TRP A 45 8.46 -16.56 10.98
N VAL A 46 9.32 -17.04 10.10
CA VAL A 46 9.96 -16.19 9.10
C VAL A 46 10.05 -16.93 7.76
N PRO A 47 10.13 -16.20 6.64
CA PRO A 47 10.21 -16.87 5.35
C PRO A 47 11.60 -17.45 5.16
N SER A 48 11.64 -18.64 4.58
CA SER A 48 12.88 -19.36 4.34
C SER A 48 13.45 -19.03 2.97
N SER A 49 14.78 -19.10 2.87
CA SER A 49 15.46 -18.96 1.56
C SER A 49 15.09 -20.09 0.57
N LYS A 50 14.59 -21.20 1.11
CA LYS A 50 14.14 -22.35 0.30
C LYS A 50 12.69 -22.18 -0.15
N CYS A 51 12.13 -20.99 0.07
CA CYS A 51 10.82 -20.64 -0.49
C CYS A 51 11.01 -20.30 -1.97
N SER A 52 10.15 -20.87 -2.81
CA SER A 52 10.28 -20.73 -4.26
C SER A 52 9.82 -19.33 -4.72
N ARG A 53 10.63 -18.74 -5.60
CA ARG A 53 10.31 -17.44 -6.22
C ARG A 53 9.00 -17.49 -7.03
N LEU A 54 8.34 -18.65 -7.04
CA LEU A 54 6.98 -18.77 -7.59
C LEU A 54 5.92 -18.45 -6.51
N TYR A 55 6.36 -18.21 -5.28
CA TYR A 55 5.48 -17.72 -4.21
C TYR A 55 5.69 -16.23 -4.09
N THR A 56 4.68 -15.46 -4.50
CA THR A 56 4.84 -14.00 -4.62
C THR A 56 5.05 -13.31 -3.27
N ALA A 57 4.60 -13.97 -2.21
CA ALA A 57 4.75 -13.46 -0.85
C ALA A 57 6.19 -13.58 -0.34
N CYS A 58 6.97 -14.47 -0.94
CA CYS A 58 8.36 -14.70 -0.58
C CYS A 58 9.29 -13.79 -1.37
N VAL A 59 8.92 -13.55 -2.62
CA VAL A 59 9.72 -12.77 -3.56
C VAL A 59 10.09 -11.39 -3.03
N TYR A 60 9.16 -10.72 -2.34
CA TYR A 60 9.35 -9.33 -1.90
C TYR A 60 9.55 -9.13 -0.37
N HIS A 61 10.00 -10.16 0.33
CA HIS A 61 10.31 -10.05 1.75
C HIS A 61 11.68 -10.64 2.02
N LYS A 62 12.27 -10.24 3.14
CA LYS A 62 13.50 -10.83 3.67
C LYS A 62 13.33 -12.34 3.87
N LEU A 63 14.31 -13.12 3.40
CA LEU A 63 14.33 -14.59 3.60
C LEU A 63 15.46 -15.00 4.55
N PHE A 64 15.24 -16.03 5.37
CA PHE A 64 16.29 -16.48 6.31
C PHE A 64 17.24 -17.46 5.67
N ASP A 65 18.53 -17.11 5.60
CA ASP A 65 19.52 -17.98 4.95
C ASP A 65 20.27 -18.78 6.01
N ALA A 66 19.81 -20.01 6.23
CA ALA A 66 20.43 -20.89 7.23
C ALA A 66 21.94 -21.12 7.01
N SER A 67 22.38 -21.24 5.76
CA SER A 67 23.80 -21.50 5.50
C SER A 67 24.73 -20.37 5.97
N ASP A 68 24.20 -19.18 6.22
CA ASP A 68 25.02 -18.02 6.65
C ASP A 68 25.09 -17.82 8.16
N SER A 69 24.39 -18.63 8.93
CA SER A 69 24.45 -18.55 10.40
C SER A 69 25.33 -19.65 10.98
N SER A 70 26.42 -19.26 11.65
CA SER A 70 27.27 -20.25 12.32
C SER A 70 26.58 -20.98 13.47
N SER A 71 25.49 -20.41 13.99
CA SER A 71 24.77 -20.93 15.17
C SER A 71 23.50 -21.71 14.85
N TYR A 72 23.10 -21.75 13.57
CA TYR A 72 21.95 -22.53 13.12
C TYR A 72 22.10 -24.02 13.43
N LYS A 73 21.00 -24.67 13.80
CA LYS A 73 21.00 -26.10 14.03
C LYS A 73 19.76 -26.74 13.41
N HIS A 74 20.00 -27.67 12.50
CA HIS A 74 18.94 -28.29 11.70
C HIS A 74 17.94 -29.05 12.54
N ASN A 75 16.67 -28.93 12.18
CA ASN A 75 15.62 -29.76 12.76
C ASN A 75 14.80 -30.47 11.69
N GLY A 76 14.00 -29.73 10.92
CA GLY A 76 13.32 -30.27 9.75
C GLY A 76 11.89 -30.74 9.93
N THR A 77 11.40 -30.78 11.16
CA THR A 77 10.02 -31.14 11.42
C THR A 77 9.03 -30.23 10.69
N GLU A 78 8.33 -30.78 9.70
CA GLU A 78 7.31 -30.04 8.94
C GLU A 78 6.29 -29.35 9.85
N LEU A 79 5.84 -28.17 9.43
CA LEU A 79 4.89 -27.37 10.22
C LEU A 79 3.81 -26.81 9.32
N THR A 80 2.58 -26.83 9.81
CA THR A 80 1.44 -26.43 9.01
C THR A 80 0.52 -25.49 9.79
N LEU A 81 0.05 -24.46 9.10
CA LEU A 81 -0.97 -23.56 9.61
C LEU A 81 -2.07 -23.39 8.57
N ARG A 82 -3.28 -23.77 8.93
CA ARG A 82 -4.44 -23.46 8.11
C ARG A 82 -4.71 -21.96 8.18
N TYR A 83 -4.80 -21.33 7.02
CA TYR A 83 -5.23 -19.94 6.93
C TYR A 83 -6.41 -19.88 5.96
N SER A 84 -7.36 -18.98 6.20
CA SER A 84 -8.62 -19.00 5.42
C SER A 84 -8.49 -18.78 3.90
N THR A 85 -7.29 -18.42 3.43
CA THR A 85 -7.04 -18.26 1.99
C THR A 85 -6.07 -19.30 1.44
N GLY A 86 -5.75 -20.30 2.26
CA GLY A 86 -4.79 -21.33 1.88
C GLY A 86 -4.00 -21.84 3.06
N THR A 87 -3.07 -22.74 2.78
CA THR A 87 -2.25 -23.32 3.82
C THR A 87 -0.87 -22.71 3.76
N VAL A 88 -0.35 -22.29 4.91
CA VAL A 88 1.06 -21.94 5.02
C VAL A 88 1.79 -23.11 5.65
N SER A 89 2.93 -23.46 5.07
CA SER A 89 3.74 -24.56 5.57
C SER A 89 5.22 -24.26 5.48
N GLY A 90 5.99 -24.97 6.32
CA GLY A 90 7.42 -24.77 6.41
C GLY A 90 7.99 -25.78 7.36
N PHE A 91 9.24 -25.59 7.76
CA PHE A 91 9.91 -26.56 8.61
C PHE A 91 10.51 -25.86 9.82
N LEU A 92 10.76 -26.64 10.87
CA LEU A 92 11.31 -26.16 12.12
C LEU A 92 12.81 -26.01 12.02
N SER A 93 13.35 -24.95 12.62
CA SER A 93 14.79 -24.78 12.74
C SER A 93 15.12 -24.22 14.13
N GLN A 94 16.39 -24.19 14.49
CA GLN A 94 16.80 -23.57 15.73
C GLN A 94 17.93 -22.62 15.45
N ASP A 95 17.89 -21.48 16.12
CA ASP A 95 18.98 -20.54 16.07
C ASP A 95 18.84 -19.60 17.25
N ILE A 96 19.75 -18.63 17.34
CA ILE A 96 19.72 -17.58 18.35
C ILE A 96 18.93 -16.38 17.81
N ILE A 97 17.94 -15.95 18.58
CA ILE A 97 17.16 -14.74 18.28
C ILE A 97 17.47 -13.63 19.28
N THR A 98 17.68 -12.43 18.75
CA THR A 98 17.98 -11.26 19.53
C THR A 98 16.78 -10.29 19.47
N VAL A 99 16.21 -10.02 20.64
CA VAL A 99 15.02 -9.15 20.80
C VAL A 99 15.25 -8.19 21.95
N GLY A 100 15.31 -6.89 21.66
CA GLY A 100 15.51 -5.88 22.70
C GLY A 100 16.82 -6.02 23.43
N GLY A 101 17.82 -6.59 22.76
CA GLY A 101 19.14 -6.81 23.36
C GLY A 101 19.30 -8.11 24.14
N ILE A 102 18.21 -8.85 24.29
CA ILE A 102 18.21 -10.15 24.95
C ILE A 102 18.53 -11.20 23.88
N THR A 103 19.41 -12.17 24.18
CA THR A 103 19.66 -13.26 23.24
C THR A 103 19.10 -14.59 23.77
N VAL A 104 18.35 -15.27 22.90
CA VAL A 104 17.55 -16.45 23.27
C VAL A 104 17.75 -17.52 22.20
N THR A 105 18.00 -18.76 22.63
CA THR A 105 18.07 -19.89 21.69
C THR A 105 16.67 -20.44 21.49
N GLN A 106 16.18 -20.33 20.25
CA GLN A 106 14.76 -20.44 19.98
C GLN A 106 14.50 -21.33 18.79
N MET A 107 13.41 -22.09 18.87
CA MET A 107 12.88 -22.82 17.71
C MET A 107 11.96 -21.88 16.97
N PHE A 108 12.04 -21.89 15.64
CA PHE A 108 11.16 -21.07 14.82
C PHE A 108 10.80 -21.78 13.51
N GLY A 109 9.64 -21.44 12.95
CA GLY A 109 9.23 -21.98 11.66
C GLY A 109 9.80 -21.20 10.49
N GLU A 110 10.52 -21.87 9.59
CA GLU A 110 10.92 -21.33 8.28
C GLU A 110 9.84 -21.66 7.23
N VAL A 111 9.11 -20.65 6.76
CA VAL A 111 8.02 -20.79 5.80
C VAL A 111 8.51 -21.05 4.37
N THR A 112 7.99 -22.10 3.73
CA THR A 112 8.33 -22.44 2.34
C THR A 112 7.12 -22.39 1.40
N GLU A 113 5.95 -22.05 1.94
CA GLU A 113 4.69 -22.21 1.23
C GLU A 113 3.71 -21.18 1.76
N MET A 114 3.15 -20.32 0.91
CA MET A 114 2.32 -19.20 1.38
C MET A 114 1.36 -18.69 0.31
N PRO A 115 0.06 -18.54 0.62
CA PRO A 115 -0.82 -17.87 -0.37
C PRO A 115 -0.40 -16.42 -0.64
N ALA A 116 -0.68 -15.93 -1.84
CA ALA A 116 -0.23 -14.60 -2.26
C ALA A 116 -0.97 -13.51 -1.47
N LEU A 117 -2.25 -13.73 -1.25
CA LEU A 117 -3.09 -12.83 -0.48
C LEU A 117 -3.50 -13.53 0.81
N PRO A 118 -3.46 -12.81 1.95
CA PRO A 118 -3.09 -11.41 2.16
C PRO A 118 -1.59 -11.16 2.41
N PHE A 119 -0.77 -12.20 2.29
CA PHE A 119 0.61 -12.11 2.76
C PHE A 119 1.53 -11.23 1.95
N MET A 120 1.25 -11.05 0.66
CA MET A 120 2.12 -10.15 -0.12
C MET A 120 1.94 -8.66 0.23
N LEU A 121 0.85 -8.32 0.93
CA LEU A 121 0.62 -6.94 1.37
C LEU A 121 1.16 -6.65 2.78
N ALA A 122 1.87 -7.61 3.36
CA ALA A 122 2.50 -7.38 4.64
C ALA A 122 3.71 -6.43 4.46
N GLU A 123 3.78 -5.35 5.24
CA GLU A 123 5.01 -4.55 5.34
C GLU A 123 6.09 -5.31 6.07
N PHE A 124 5.69 -6.07 7.09
CA PHE A 124 6.61 -6.84 7.91
C PHE A 124 6.99 -8.18 7.23
N ASP A 125 7.98 -8.87 7.81
CA ASP A 125 8.54 -10.10 7.24
C ASP A 125 8.12 -11.37 7.94
N GLY A 126 7.70 -11.25 9.20
CA GLY A 126 7.39 -12.43 10.02
C GLY A 126 6.59 -12.10 11.26
N VAL A 127 6.49 -13.07 12.15
CA VAL A 127 5.60 -12.99 13.32
C VAL A 127 6.24 -13.68 14.53
N VAL A 128 6.13 -13.02 15.68
CA VAL A 128 6.64 -13.52 16.93
C VAL A 128 5.39 -13.66 17.79
N GLY A 129 4.91 -14.89 17.98
CA GLY A 129 3.76 -15.16 18.87
C GLY A 129 4.06 -14.97 20.34
N MET A 130 3.20 -14.21 21.04
CA MET A 130 3.30 -13.93 22.48
C MET A 130 2.20 -14.64 23.26
N GLY A 131 1.54 -15.62 22.64
CA GLY A 131 0.52 -16.43 23.29
C GLY A 131 1.14 -17.52 24.15
N PHE A 132 0.32 -18.44 24.65
CA PHE A 132 0.80 -19.46 25.58
C PHE A 132 1.27 -20.72 24.87
N ILE A 133 2.06 -21.56 25.56
CA ILE A 133 2.57 -22.80 24.96
C ILE A 133 1.42 -23.69 24.51
N GLU A 134 0.29 -23.61 25.21
CA GLU A 134 -0.85 -24.49 24.97
C GLU A 134 -1.40 -24.43 23.54
N GLN A 135 -1.04 -23.36 22.82
CA GLN A 135 -1.53 -23.12 21.47
C GLN A 135 -0.40 -23.08 20.43
N ALA A 136 0.82 -23.44 20.86
CA ALA A 136 1.96 -23.49 19.96
C ALA A 136 1.87 -24.68 18.98
N ILE A 137 2.06 -24.40 17.70
CA ILE A 137 2.05 -25.47 16.69
C ILE A 137 3.29 -26.31 16.92
N GLY A 138 3.12 -27.63 16.91
CA GLY A 138 4.20 -28.58 17.22
C GLY A 138 4.66 -28.48 18.67
N ARG A 139 3.83 -27.84 19.51
CA ARG A 139 4.09 -27.54 20.93
C ARG A 139 5.48 -26.96 21.29
N VAL A 140 6.01 -26.09 20.46
CA VAL A 140 7.35 -25.57 20.74
C VAL A 140 7.26 -24.38 21.71
N THR A 141 8.24 -24.30 22.61
CA THR A 141 8.27 -23.27 23.63
C THR A 141 8.37 -21.87 22.99
N PRO A 142 7.38 -20.99 23.27
CA PRO A 142 7.37 -19.63 22.70
C PRO A 142 8.50 -18.79 23.21
N ILE A 143 8.78 -17.69 22.52
CA ILE A 143 9.91 -16.87 22.85
C ILE A 143 9.90 -16.24 24.27
N PHE A 144 8.73 -15.83 24.74
CA PHE A 144 8.67 -15.16 26.03
C PHE A 144 8.94 -16.14 27.18
N ASP A 145 8.41 -17.36 27.05
CA ASP A 145 8.79 -18.49 27.93
C ASP A 145 10.31 -18.70 27.99
N ASN A 146 10.96 -18.80 26.85
CA ASN A 146 12.41 -18.90 26.91
C ASN A 146 13.03 -17.70 27.66
N ILE A 147 12.60 -16.49 27.32
CA ILE A 147 13.11 -15.29 28.00
C ILE A 147 12.98 -15.35 29.53
N ILE A 148 11.83 -15.83 30.00
CA ILE A 148 11.56 -15.89 31.43
C ILE A 148 12.51 -16.87 32.14
N SER A 149 12.75 -18.00 31.49
CA SER A 149 13.57 -19.07 32.04
C SER A 149 14.99 -18.59 32.28
N GLN A 150 15.37 -17.47 31.66
CA GLN A 150 16.66 -16.84 31.96
C GLN A 150 16.67 -16.17 33.35
N GLY A 151 15.49 -15.88 33.92
CA GLY A 151 15.39 -15.20 35.22
C GLY A 151 16.01 -13.79 35.29
N VAL A 152 16.01 -13.09 34.16
CA VAL A 152 16.63 -11.77 34.01
C VAL A 152 15.64 -10.58 34.19
N LEU A 153 14.39 -10.76 33.75
CA LEU A 153 13.40 -9.69 33.77
C LEU A 153 12.84 -9.45 35.16
N LYS A 154 12.63 -8.18 35.49
CA LYS A 154 12.03 -7.76 36.76
C LYS A 154 10.72 -8.50 37.15
N GLU A 155 9.81 -8.66 36.19
CA GLU A 155 8.49 -9.27 36.42
C GLU A 155 8.16 -10.14 35.22
N ASP A 156 7.20 -11.02 35.41
CA ASP A 156 6.76 -11.96 34.37
C ASP A 156 5.59 -11.33 33.59
N VAL A 157 5.85 -10.18 32.97
CA VAL A 157 4.81 -9.42 32.26
C VAL A 157 5.41 -8.69 31.07
N PHE A 158 4.57 -8.37 30.10
CA PHE A 158 5.04 -7.54 28.99
C PHE A 158 3.93 -6.57 28.64
N SER A 159 4.25 -5.38 28.17
CA SER A 159 3.21 -4.47 27.71
C SER A 159 3.37 -3.80 26.35
N PHE A 160 2.25 -3.29 25.83
CA PHE A 160 2.14 -2.72 24.49
C PHE A 160 1.61 -1.30 24.52
N TYR A 161 2.33 -0.41 23.84
CA TYR A 161 1.83 0.90 23.49
C TYR A 161 1.82 0.99 21.95
N TYR A 162 0.69 1.45 21.39
CA TYR A 162 0.46 1.64 19.96
C TYR A 162 0.05 3.10 19.82
N ASN A 163 0.77 3.89 19.04
CA ASN A 163 0.41 5.28 18.75
C ASN A 163 -0.60 5.41 17.58
N ARG A 164 -1.19 6.58 17.48
CA ARG A 164 -1.99 6.97 16.33
C ARG A 164 -1.00 7.39 15.24
N ASP A 165 -1.35 7.14 13.99
CA ASP A 165 -0.39 7.39 12.90
C ASP A 165 -0.21 8.88 12.66
N SER A 166 1.04 9.31 12.53
CA SER A 166 1.38 10.73 12.43
C SER A 166 2.04 11.05 11.08
N SER A 171 7.64 11.07 16.11
CA SER A 171 6.52 10.37 16.71
C SER A 171 6.79 8.87 16.73
N LEU A 172 7.04 8.34 17.92
CA LEU A 172 7.20 6.92 18.18
C LEU A 172 5.93 6.19 17.73
N GLY A 173 6.03 5.16 16.87
CA GLY A 173 4.86 4.35 16.43
C GLY A 173 4.22 3.39 17.44
N GLY A 174 5.07 2.83 18.30
CA GLY A 174 4.64 2.06 19.47
C GLY A 174 5.86 1.55 20.21
N GLN A 175 5.63 0.81 21.28
CA GLN A 175 6.70 0.23 22.07
C GLN A 175 6.21 -0.96 22.88
N ILE A 176 7.02 -2.01 22.92
CA ILE A 176 6.74 -3.18 23.78
C ILE A 176 7.73 -3.16 24.92
N VAL A 177 7.27 -3.25 26.17
CA VAL A 177 8.23 -3.39 27.27
C VAL A 177 8.18 -4.85 27.78
N LEU A 178 9.32 -5.52 27.85
CA LEU A 178 9.46 -6.89 28.41
C LEU A 178 9.83 -6.77 29.88
N GLY A 179 8.97 -7.28 30.75
CA GLY A 179 9.22 -7.28 32.19
C GLY A 179 8.65 -6.12 32.99
N GLY A 180 7.80 -5.30 32.37
CA GLY A 180 7.23 -4.12 33.05
C GLY A 180 6.27 -3.32 32.16
N SER A 181 6.06 -2.06 32.55
CA SER A 181 5.32 -1.01 31.83
C SER A 181 6.16 0.27 31.75
N ASP A 182 5.91 1.13 30.76
CA ASP A 182 6.53 2.46 30.69
C ASP A 182 5.51 3.58 31.09
N PRO A 183 5.69 4.14 32.31
CA PRO A 183 4.77 5.19 32.81
C PRO A 183 4.68 6.43 31.94
N GLN A 184 5.57 6.58 30.95
CA GLN A 184 5.52 7.73 30.03
C GLN A 184 4.42 7.61 28.94
N HIS A 185 3.93 6.39 28.70
CA HIS A 185 2.93 6.15 27.64
C HIS A 185 1.53 5.83 28.16
N TYR A 186 1.32 5.98 29.47
CA TYR A 186 -0.03 5.86 30.00
C TYR A 186 -0.35 6.89 31.12
N GLU A 187 -1.62 7.14 31.37
CA GLU A 187 -1.94 8.01 32.49
C GLU A 187 -2.83 7.31 33.49
N GLY A 188 -2.76 7.75 34.74
CA GLY A 188 -3.55 7.16 35.81
C GLY A 188 -3.14 5.74 36.16
N ASN A 189 -4.10 4.91 36.58
CA ASN A 189 -3.76 3.57 37.06
C ASN A 189 -4.34 2.42 36.25
N PHE A 190 -3.66 1.27 36.36
CA PHE A 190 -4.08 0.04 35.71
C PHE A 190 -5.27 -0.57 36.46
N HIS A 191 -6.31 -0.97 35.71
N HIS A 191 -6.24 -1.05 35.70
CA HIS A 191 -7.32 -1.91 36.21
CA HIS A 191 -7.30 -1.91 36.24
C HIS A 191 -7.08 -3.24 35.51
C HIS A 191 -7.30 -3.24 35.47
N TYR A 192 -7.29 -4.35 36.22
CA TYR A 192 -7.02 -5.65 35.65
C TYR A 192 -8.27 -6.50 35.53
N ILE A 193 -8.27 -7.39 34.54
CA ILE A 193 -9.32 -8.39 34.35
C ILE A 193 -8.64 -9.76 34.27
N ASN A 194 -9.14 -10.73 35.03
CA ASN A 194 -8.57 -12.06 34.99
C ASN A 194 -8.92 -12.78 33.71
N LEU A 195 -8.06 -13.71 33.29
CA LEU A 195 -8.30 -14.52 32.10
C LEU A 195 -9.32 -15.59 32.45
N ILE A 196 -10.16 -15.92 31.48
CA ILE A 196 -11.15 -16.98 31.67
C ILE A 196 -10.46 -18.29 32.02
N LYS A 197 -9.37 -18.57 31.32
CA LYS A 197 -8.52 -19.74 31.60
C LYS A 197 -7.13 -19.46 31.06
N THR A 198 -6.13 -20.14 31.61
CA THR A 198 -4.78 -20.07 31.07
C THR A 198 -4.70 -20.62 29.64
N GLY A 199 -3.70 -20.18 28.88
CA GLY A 199 -3.48 -20.69 27.54
C GLY A 199 -3.94 -19.79 26.40
N VAL A 200 -4.71 -18.75 26.73
CA VAL A 200 -5.16 -17.75 25.74
C VAL A 200 -5.43 -16.39 26.39
N TRP A 201 -4.97 -15.32 25.77
CA TRP A 201 -5.22 -13.98 26.31
C TRP A 201 -6.67 -13.55 26.00
N GLN A 202 -7.62 -14.23 26.63
CA GLN A 202 -9.06 -14.00 26.38
C GLN A 202 -9.80 -13.76 27.69
N ILE A 203 -10.64 -12.72 27.69
CA ILE A 203 -11.36 -12.32 28.90
C ILE A 203 -12.87 -12.25 28.64
N GLN A 204 -13.63 -12.18 29.73
CA GLN A 204 -15.08 -12.02 29.71
C GLN A 204 -15.47 -10.57 29.47
N MET A 205 -16.50 -10.37 28.65
CA MET A 205 -17.05 -9.05 28.38
C MET A 205 -18.54 -9.01 28.78
N LYS A 206 -19.01 -7.91 29.35
CA LYS A 206 -20.36 -7.85 29.94
C LYS A 206 -21.37 -6.93 29.25
N GLY A 207 -20.96 -6.29 28.16
CA GLY A 207 -21.84 -5.35 27.44
C GLY A 207 -21.13 -4.35 26.54
N VAL A 208 -21.70 -4.13 25.37
CA VAL A 208 -21.21 -3.11 24.43
C VAL A 208 -22.28 -2.01 24.27
N SER A 209 -21.94 -0.80 24.70
CA SER A 209 -22.90 0.30 24.73
C SER A 209 -22.66 1.37 23.67
N VAL A 210 -23.63 1.55 22.78
CA VAL A 210 -23.67 2.74 21.95
C VAL A 210 -24.46 3.79 22.71
N GLY A 211 -23.83 4.94 22.93
CA GLY A 211 -24.43 6.01 23.71
C GLY A 211 -24.49 5.70 25.20
N SER A 212 -25.71 5.57 25.73
CA SER A 212 -25.94 5.29 27.15
C SER A 212 -26.74 4.01 27.32
N SER A 213 -26.99 3.30 26.22
CA SER A 213 -27.81 2.09 26.23
C SER A 213 -27.05 0.85 25.75
N THR A 214 -26.97 -0.15 26.60
CA THR A 214 -26.32 -1.42 26.28
C THR A 214 -27.04 -2.14 25.14
N LEU A 215 -26.51 -2.00 23.93
CA LEU A 215 -27.11 -2.60 22.73
C LEU A 215 -26.66 -4.04 22.44
N LEU A 216 -25.53 -4.45 23.03
CA LEU A 216 -25.01 -5.79 22.76
C LEU A 216 -24.38 -6.47 23.98
N CYS A 217 -24.11 -7.76 23.83
CA CYS A 217 -23.33 -8.54 24.81
C CYS A 217 -23.82 -8.51 26.28
N GLU A 218 -25.08 -8.15 26.50
CA GLU A 218 -25.73 -8.47 27.77
C GLU A 218 -25.90 -10.00 27.76
N ASP A 219 -25.86 -10.62 28.93
CA ASP A 219 -25.69 -12.09 29.05
C ASP A 219 -24.23 -12.50 28.80
N GLY A 220 -23.36 -11.49 28.69
CA GLY A 220 -21.94 -11.69 28.53
C GLY A 220 -21.47 -12.21 27.18
N CYS A 221 -20.18 -12.03 26.93
CA CYS A 221 -19.51 -12.66 25.80
C CYS A 221 -18.01 -12.61 26.03
N LEU A 222 -17.23 -13.14 25.07
CA LEU A 222 -15.77 -13.24 25.23
C LEU A 222 -15.05 -12.20 24.40
N ALA A 223 -13.90 -11.76 24.92
CA ALA A 223 -13.03 -10.81 24.22
C ALA A 223 -11.56 -11.30 24.18
N LEU A 224 -11.04 -11.50 22.98
CA LEU A 224 -9.63 -11.85 22.78
C LEU A 224 -8.82 -10.56 22.64
N VAL A 225 -7.74 -10.44 23.40
CA VAL A 225 -6.89 -9.22 23.33
C VAL A 225 -5.67 -9.56 22.46
N ASP A 226 -5.80 -9.19 21.18
CA ASP A 226 -4.93 -9.68 20.10
C ASP A 226 -4.12 -8.53 19.50
N THR A 227 -2.84 -8.43 19.86
CA THR A 227 -2.03 -7.31 19.44
C THR A 227 -1.72 -7.42 17.95
N GLY A 228 -2.02 -8.58 17.38
CA GLY A 228 -1.72 -8.85 15.98
C GLY A 228 -2.85 -8.51 15.04
N ALA A 229 -4.04 -8.27 15.60
CA ALA A 229 -5.25 -7.88 14.85
C ALA A 229 -5.29 -6.37 14.67
N SER A 230 -5.62 -5.94 13.45
CA SER A 230 -5.67 -4.54 13.08
C SER A 230 -6.85 -3.78 13.72
N TYR A 231 -7.97 -4.48 13.92
CA TYR A 231 -9.25 -3.83 14.26
C TYR A 231 -9.90 -4.45 15.50
N ILE A 232 -10.91 -3.76 16.01
CA ILE A 232 -11.88 -4.39 16.87
C ILE A 232 -12.75 -5.21 15.93
N SER A 233 -12.94 -6.48 16.25
CA SER A 233 -13.75 -7.33 15.41
C SER A 233 -14.80 -8.08 16.20
N GLY A 234 -15.95 -8.32 15.57
CA GLY A 234 -17.01 -9.12 16.17
C GLY A 234 -17.64 -10.09 15.17
N SER A 235 -18.51 -10.97 15.66
CA SER A 235 -19.34 -11.80 14.80
C SER A 235 -20.13 -10.96 13.80
N THR A 236 -20.33 -11.53 12.62
CA THR A 236 -21.17 -10.94 11.57
C THR A 236 -22.42 -10.25 12.12
N SER A 237 -23.25 -11.04 12.83
CA SER A 237 -24.53 -10.55 13.34
C SER A 237 -24.39 -9.42 14.34
N SER A 238 -23.43 -9.54 15.26
CA SER A 238 -23.17 -8.48 16.26
C SER A 238 -22.82 -7.17 15.56
N ILE A 239 -22.00 -7.27 14.53
CA ILE A 239 -21.50 -6.09 13.80
C ILE A 239 -22.60 -5.42 12.99
N GLU A 240 -23.41 -6.22 12.29
CA GLU A 240 -24.67 -5.74 11.69
C GLU A 240 -25.45 -4.83 12.64
N LYS A 241 -25.73 -5.35 13.84
CA LYS A 241 -26.46 -4.62 14.88
C LYS A 241 -25.79 -3.31 15.26
N LEU A 242 -24.49 -3.37 15.55
CA LEU A 242 -23.73 -2.19 15.95
C LEU A 242 -23.72 -1.13 14.86
N MET A 243 -23.61 -1.58 13.61
CA MET A 243 -23.49 -0.69 12.46
C MET A 243 -24.81 -0.02 12.07
N GLU A 244 -25.87 -0.81 12.01
CA GLU A 244 -27.23 -0.32 11.81
C GLU A 244 -27.62 0.68 12.90
N ALA A 245 -26.93 0.58 14.05
CA ALA A 245 -27.13 1.52 15.15
C ALA A 245 -26.31 2.79 15.00
N LEU A 246 -25.32 2.76 14.10
CA LEU A 246 -24.38 3.87 13.95
C LEU A 246 -24.67 4.75 12.72
N GLY A 247 -25.53 4.25 11.83
CA GLY A 247 -25.82 4.94 10.57
C GLY A 247 -24.87 4.51 9.48
N ALA A 248 -23.94 3.63 9.85
CA ALA A 248 -22.94 3.09 8.93
C ALA A 248 -23.55 2.06 8.00
N LYS A 249 -23.20 2.15 6.72
CA LYS A 249 -23.75 1.23 5.73
C LYS A 249 -22.63 0.42 5.06
N LYS A 250 -22.93 -0.84 4.75
CA LYS A 250 -21.94 -1.81 4.28
C LYS A 250 -21.42 -1.60 2.85
N ARG A 251 -20.10 -1.46 2.72
CA ARG A 251 -19.43 -1.44 1.40
C ARG A 251 -19.18 -2.89 0.97
N LEU A 252 -17.93 -3.28 0.70
CA LEU A 252 -17.65 -4.67 0.32
C LEU A 252 -17.33 -5.55 1.53
N PHE A 253 -16.25 -5.21 2.23
CA PHE A 253 -15.87 -5.86 3.50
C PHE A 253 -15.82 -4.79 4.60
N ASP A 254 -16.06 -3.54 4.20
CA ASP A 254 -16.00 -2.37 5.08
C ASP A 254 -17.39 -1.86 5.45
N TYR A 255 -17.42 -1.01 6.47
CA TYR A 255 -18.62 -0.25 6.82
C TYR A 255 -18.22 1.21 6.72
N VAL A 256 -19.11 2.03 6.16
CA VAL A 256 -18.76 3.40 5.82
C VAL A 256 -19.80 4.42 6.31
N VAL A 257 -19.32 5.61 6.63
CA VAL A 257 -20.19 6.75 6.88
C VAL A 257 -19.76 7.86 5.96
N LYS A 258 -20.58 8.90 5.86
CA LYS A 258 -20.23 10.11 5.12
C LYS A 258 -19.27 10.93 5.97
N CYS A 259 -18.14 11.26 5.38
CA CYS A 259 -17.02 11.85 6.12
C CYS A 259 -17.35 13.13 6.90
N ASN A 260 -18.52 13.70 6.65
CA ASN A 260 -18.92 14.91 7.36
C ASN A 260 -19.71 14.58 8.63
N GLU A 261 -20.35 13.42 8.62
CA GLU A 261 -21.15 12.93 9.74
C GLU A 261 -20.30 12.20 10.79
N GLY A 262 -19.32 11.41 10.30
CA GLY A 262 -18.33 10.78 11.17
C GLY A 262 -18.09 11.43 12.52
N PRO A 263 -17.68 12.72 12.53
CA PRO A 263 -17.34 13.38 13.81
C PRO A 263 -18.49 13.50 14.84
N THR A 264 -19.70 13.16 14.44
CA THR A 264 -20.86 13.25 15.34
C THR A 264 -21.44 11.89 15.69
N LEU A 265 -20.72 10.82 15.34
CA LEU A 265 -21.16 9.47 15.72
C LEU A 265 -21.10 9.27 17.24
N PRO A 266 -21.86 8.30 17.75
CA PRO A 266 -21.87 8.05 19.19
C PRO A 266 -20.70 7.18 19.69
N ASP A 267 -20.40 7.35 20.98
CA ASP A 267 -19.43 6.55 21.71
C ASP A 267 -19.77 5.07 21.69
N ILE A 268 -18.74 4.23 21.69
CA ILE A 268 -18.94 2.80 21.88
C ILE A 268 -18.23 2.43 23.18
N SER A 269 -18.91 1.68 24.04
CA SER A 269 -18.38 1.31 25.35
C SER A 269 -18.19 -0.20 25.48
N PHE A 270 -17.04 -0.61 26.01
CA PHE A 270 -16.81 -2.01 26.29
C PHE A 270 -16.79 -2.17 27.82
N HIS A 271 -17.63 -3.05 28.34
CA HIS A 271 -17.69 -3.25 29.79
C HIS A 271 -16.83 -4.45 30.17
N LEU A 272 -15.71 -4.18 30.82
CA LEU A 272 -14.72 -5.22 31.11
C LEU A 272 -14.26 -5.09 32.57
N GLY A 273 -14.38 -6.18 33.34
CA GLY A 273 -14.09 -6.18 34.79
C GLY A 273 -14.66 -5.00 35.56
N GLY A 274 -15.93 -4.68 35.37
CA GLY A 274 -16.53 -3.54 36.07
C GLY A 274 -15.76 -2.23 35.90
N LYS A 275 -15.49 -1.90 34.64
CA LYS A 275 -15.03 -0.59 34.24
C LYS A 275 -15.48 -0.50 32.79
N GLU A 276 -15.87 0.71 32.38
CA GLU A 276 -16.35 0.94 31.02
C GLU A 276 -15.23 1.58 30.19
N TYR A 277 -14.84 0.89 29.13
CA TYR A 277 -13.82 1.39 28.24
C TYR A 277 -14.48 1.98 27.00
N THR A 278 -14.47 3.29 26.93
CA THR A 278 -15.18 4.04 25.88
C THR A 278 -14.25 4.51 24.76
N LEU A 279 -14.67 4.22 23.52
CA LEU A 279 -14.05 4.77 22.32
C LEU A 279 -14.99 5.84 21.74
N THR A 280 -14.48 7.04 21.50
CA THR A 280 -15.26 8.09 20.85
C THR A 280 -15.15 7.92 19.34
N SER A 281 -15.76 8.85 18.59
CA SER A 281 -15.74 8.81 17.12
C SER A 281 -14.32 9.00 16.55
N ALA A 282 -13.54 9.87 17.17
CA ALA A 282 -12.14 10.09 16.80
C ALA A 282 -11.28 8.81 16.94
N ASP A 283 -11.66 7.89 17.84
CA ASP A 283 -10.92 6.65 18.02
C ASP A 283 -11.27 5.52 17.05
N TYR A 284 -12.45 5.56 16.39
CA TYR A 284 -12.84 4.44 15.51
C TYR A 284 -13.23 4.73 14.02
N VAL A 285 -13.13 6.00 13.62
CA VAL A 285 -13.33 6.37 12.23
C VAL A 285 -12.03 6.87 11.64
N PHE A 286 -11.63 6.26 10.53
CA PHE A 286 -10.53 6.79 9.73
C PHE A 286 -11.02 8.05 8.99
N GLN A 287 -10.80 9.24 9.56
CA GLN A 287 -11.27 10.50 8.95
C GLN A 287 -10.30 11.02 7.89
N GLU A 288 -10.33 10.39 6.72
CA GLU A 288 -9.46 10.76 5.62
C GLU A 288 -9.83 12.16 5.14
N SER A 289 -11.12 12.48 5.27
CA SER A 289 -11.68 13.72 4.78
C SER A 289 -12.88 14.08 5.66
N TYR A 290 -13.05 15.38 5.92
CA TYR A 290 -14.20 15.91 6.67
C TYR A 290 -15.29 16.37 5.70
N SER A 291 -15.40 15.73 4.53
CA SER A 291 -16.24 16.26 3.45
C SER A 291 -17.51 15.47 3.16
N SER A 292 -18.60 16.20 2.87
CA SER A 292 -19.93 15.61 2.69
C SER A 292 -20.10 14.68 1.48
N LYS A 293 -19.12 14.69 0.58
CA LYS A 293 -19.19 13.93 -0.67
C LYS A 293 -18.37 12.64 -0.60
N LYS A 294 -17.51 12.54 0.43
CA LYS A 294 -16.60 11.39 0.56
C LYS A 294 -17.04 10.35 1.59
N LEU A 295 -16.60 9.12 1.39
CA LEU A 295 -16.91 8.01 2.29
C LEU A 295 -15.72 7.64 3.15
N CYS A 296 -15.93 7.58 4.47
CA CYS A 296 -14.89 7.20 5.44
C CYS A 296 -15.12 5.79 6.03
N THR A 297 -14.07 4.99 6.16
CA THR A 297 -14.21 3.65 6.71
C THR A 297 -14.00 3.65 8.22
N LEU A 298 -14.51 2.61 8.88
CA LEU A 298 -14.42 2.47 10.32
C LEU A 298 -13.44 1.36 10.68
N ALA A 299 -12.75 1.56 11.81
CA ALA A 299 -11.73 0.63 12.28
C ALA A 299 -12.35 -0.55 13.06
N ILE A 300 -13.61 -0.85 12.75
CA ILE A 300 -14.32 -1.99 13.33
C ILE A 300 -14.81 -2.90 12.20
N HIS A 301 -14.42 -4.16 12.21
CA HIS A 301 -14.80 -5.06 11.12
C HIS A 301 -15.51 -6.30 11.63
N ALA A 302 -16.15 -7.04 10.72
CA ALA A 302 -16.80 -8.29 11.06
C ALA A 302 -15.84 -9.43 10.83
N MET A 303 -15.86 -10.39 11.73
CA MET A 303 -15.05 -11.59 11.62
C MET A 303 -15.61 -12.67 12.51
N ASP A 304 -15.65 -13.89 12.00
CA ASP A 304 -16.17 -15.02 12.73
C ASP A 304 -15.03 -16.00 13.01
N ILE A 305 -14.46 -15.91 14.22
CA ILE A 305 -13.32 -16.75 14.61
C ILE A 305 -13.78 -18.18 14.94
N PRO A 306 -13.16 -19.20 14.29
CA PRO A 306 -13.42 -20.62 14.58
C PRO A 306 -13.16 -21.03 16.03
N PRO A 307 -13.83 -22.10 16.50
CA PRO A 307 -13.40 -22.83 17.68
C PRO A 307 -11.96 -23.37 17.56
N PRO A 308 -11.27 -23.61 18.69
CA PRO A 308 -11.81 -23.49 20.06
C PRO A 308 -11.87 -22.05 20.63
N THR A 309 -11.09 -21.14 20.03
CA THR A 309 -11.00 -19.75 20.52
C THR A 309 -12.33 -18.99 20.44
N GLY A 310 -13.04 -19.17 19.34
CA GLY A 310 -14.27 -18.44 19.06
C GLY A 310 -15.50 -19.30 19.26
N PRO A 311 -16.70 -18.71 19.08
CA PRO A 311 -16.98 -17.32 18.67
C PRO A 311 -16.64 -16.29 19.75
N THR A 312 -15.96 -15.23 19.31
CA THR A 312 -15.43 -14.22 20.22
C THR A 312 -15.31 -12.87 19.51
N TRP A 313 -15.32 -11.79 20.29
CA TRP A 313 -14.86 -10.50 19.82
C TRP A 313 -13.32 -10.51 19.84
N ALA A 314 -12.70 -9.58 19.13
CA ALA A 314 -11.26 -9.41 19.20
C ALA A 314 -10.98 -7.93 19.34
N LEU A 315 -10.19 -7.57 20.35
CA LEU A 315 -9.81 -6.20 20.64
C LEU A 315 -8.39 -5.97 20.13
N GLY A 316 -8.31 -5.39 18.94
CA GLY A 316 -7.04 -5.27 18.20
C GLY A 316 -6.48 -3.87 18.27
N ALA A 317 -5.70 -3.47 17.25
CA ALA A 317 -4.98 -2.18 17.35
C ALA A 317 -5.90 -1.00 17.64
N THR A 318 -7.15 -1.04 17.12
CA THR A 318 -8.10 0.06 17.39
C THR A 318 -8.28 0.28 18.92
N PHE A 319 -8.46 -0.81 19.66
CA PHE A 319 -8.67 -0.73 21.12
C PHE A 319 -7.37 -0.42 21.85
N ILE A 320 -6.26 -1.00 21.40
CA ILE A 320 -4.94 -0.83 22.07
C ILE A 320 -4.38 0.58 21.95
N ARG A 321 -4.65 1.24 20.83
CA ARG A 321 -4.27 2.65 20.66
C ARG A 321 -4.90 3.50 21.75
N LYS A 322 -6.11 3.19 22.18
CA LYS A 322 -6.68 4.01 23.25
C LYS A 322 -6.16 3.58 24.62
N PHE A 323 -6.06 2.27 24.82
CA PHE A 323 -5.69 1.72 26.14
C PHE A 323 -4.34 0.96 26.16
N TYR A 324 -3.35 1.59 26.77
CA TYR A 324 -2.10 0.93 27.09
C TYR A 324 -2.42 -0.41 27.78
N THR A 325 -1.85 -1.50 27.26
CA THR A 325 -2.21 -2.86 27.67
C THR A 325 -1.03 -3.60 28.33
N GLU A 326 -1.27 -4.15 29.52
CA GLU A 326 -0.27 -4.94 30.21
C GLU A 326 -0.71 -6.39 30.23
N PHE A 327 0.16 -7.28 29.79
CA PHE A 327 -0.13 -8.72 29.79
C PHE A 327 0.65 -9.44 30.90
N ASP A 328 -0.07 -9.93 31.91
CA ASP A 328 0.52 -10.40 33.19
C ASP A 328 0.39 -11.90 33.32
N ARG A 329 1.50 -12.58 33.06
CA ARG A 329 1.61 -14.04 33.11
C ARG A 329 1.65 -14.58 34.54
N ARG A 330 2.37 -13.89 35.42
CA ARG A 330 2.44 -14.26 36.82
C ARG A 330 1.05 -14.40 37.49
N ASN A 331 0.11 -13.51 37.17
CA ASN A 331 -1.23 -13.54 37.76
C ASN A 331 -2.35 -13.94 36.79
N ASN A 332 -1.96 -14.26 35.55
CA ASN A 332 -2.90 -14.63 34.48
C ASN A 332 -3.99 -13.58 34.27
N ARG A 333 -3.57 -12.35 33.99
CA ARG A 333 -4.50 -11.25 33.88
C ARG A 333 -4.00 -10.20 32.91
N ILE A 334 -4.92 -9.33 32.48
CA ILE A 334 -4.63 -8.25 31.54
C ILE A 334 -5.02 -6.91 32.18
N GLY A 335 -4.12 -5.92 32.13
CA GLY A 335 -4.43 -4.60 32.62
C GLY A 335 -4.52 -3.55 31.54
N PHE A 336 -5.42 -2.58 31.75
CA PHE A 336 -5.59 -1.45 30.86
C PHE A 336 -5.37 -0.13 31.59
N ALA A 337 -4.71 0.80 30.92
CA ALA A 337 -4.65 2.20 31.37
C ALA A 337 -4.84 3.12 30.16
N LEU A 338 -5.47 4.27 30.35
CA LEU A 338 -5.57 5.22 29.25
C LEU A 338 -4.19 5.53 28.66
N ALA A 339 -3.97 5.28 27.36
CA ALA A 339 -2.69 5.60 26.76
C ALA A 339 -2.53 7.12 26.64
N ARG A 340 -1.29 7.62 26.74
CA ARG A 340 -1.04 9.03 26.35
C ARG A 340 -0.18 9.24 25.12
N HIS A 341 -0.66 10.12 24.26
CA HIS A 341 -0.06 10.32 22.94
C HIS A 341 0.53 11.74 22.84
N GLY B 4 6.40 34.30 -25.04
CA GLY B 4 7.82 33.85 -25.24
C GLY B 4 8.03 32.92 -26.43
N ASN B 5 9.28 32.61 -26.75
CA ASN B 5 9.56 31.61 -27.78
C ASN B 5 10.31 30.40 -27.22
N THR B 6 10.07 30.10 -25.95
CA THR B 6 10.75 28.99 -25.28
C THR B 6 10.09 27.64 -25.54
N THR B 7 10.93 26.67 -25.87
CA THR B 7 10.58 25.26 -25.68
C THR B 7 11.68 24.65 -24.83
N SER B 8 11.48 23.40 -24.43
CA SER B 8 12.29 22.82 -23.39
C SER B 8 11.99 21.33 -23.35
N SER B 9 13.02 20.54 -23.24
CA SER B 9 12.90 19.12 -23.46
C SER B 9 13.63 18.37 -22.37
N VAL B 10 13.08 17.22 -21.99
CA VAL B 10 13.67 16.39 -20.98
C VAL B 10 13.80 15.02 -21.60
N ILE B 11 15.00 14.45 -21.56
CA ILE B 11 15.27 13.12 -22.08
C ILE B 11 14.74 12.10 -21.06
N LEU B 12 14.08 11.03 -21.54
CA LEU B 12 13.52 10.04 -20.63
C LEU B 12 14.31 8.76 -20.71
N THR B 13 14.29 7.99 -19.62
CA THR B 13 14.85 6.66 -19.63
C THR B 13 13.68 5.68 -19.77
N ASN B 14 13.88 4.66 -20.59
CA ASN B 14 12.88 3.60 -20.70
C ASN B 14 13.30 2.37 -19.89
N TYR B 15 12.57 2.08 -18.80
CA TYR B 15 12.81 0.87 -18.03
C TYR B 15 11.80 -0.18 -18.45
N MET B 16 12.28 -1.15 -19.24
CA MET B 16 11.55 -2.38 -19.59
C MET B 16 10.20 -2.17 -20.26
N ASP B 17 10.08 -1.05 -20.99
CA ASP B 17 8.84 -0.69 -21.70
C ASP B 17 7.64 -0.39 -20.76
N THR B 18 7.90 -0.27 -19.45
CA THR B 18 6.80 -0.03 -18.48
C THR B 18 6.94 1.25 -17.68
N GLN B 19 8.15 1.77 -17.58
CA GLN B 19 8.38 2.95 -16.76
C GLN B 19 9.22 3.94 -17.56
N TYR B 20 8.70 5.16 -17.76
CA TYR B 20 9.42 6.19 -18.53
C TYR B 20 9.62 7.46 -17.67
N TYR B 21 10.87 7.88 -17.42
CA TYR B 21 11.14 8.92 -16.44
C TYR B 21 12.38 9.77 -16.78
N GLY B 22 12.39 11.01 -16.30
CA GLY B 22 13.51 11.95 -16.54
C GLY B 22 13.78 12.69 -15.27
N GLU B 23 14.77 13.61 -15.27
CA GLU B 23 15.18 14.31 -14.04
C GLU B 23 14.49 15.63 -13.85
N ILE B 24 14.19 15.97 -12.60
CA ILE B 24 13.93 17.34 -12.21
C ILE B 24 14.86 17.66 -11.02
N GLY B 25 15.09 18.96 -10.78
CA GLY B 25 15.72 19.43 -9.55
C GLY B 25 14.76 20.23 -8.66
N ILE B 26 14.90 20.06 -7.34
CA ILE B 26 14.02 20.73 -6.41
C ILE B 26 14.92 21.37 -5.36
N GLY B 27 14.76 22.69 -5.18
CA GLY B 27 15.47 23.40 -4.12
C GLY B 27 16.72 24.16 -4.51
N THR B 28 17.34 24.76 -3.50
CA THR B 28 18.58 25.53 -3.68
C THR B 28 19.61 25.08 -2.64
N PRO B 29 20.69 24.39 -3.06
CA PRO B 29 20.94 23.98 -4.44
C PRO B 29 20.04 22.78 -4.85
N PRO B 30 19.94 22.49 -6.18
CA PRO B 30 19.00 21.49 -6.70
C PRO B 30 19.24 20.08 -6.16
N GLN B 31 18.21 19.49 -5.58
CA GLN B 31 18.21 18.05 -5.28
C GLN B 31 17.47 17.36 -6.43
N THR B 32 18.12 16.34 -6.97
CA THR B 32 17.77 15.69 -8.22
C THR B 32 16.92 14.42 -7.97
N PHE B 33 15.81 14.28 -8.73
CA PHE B 33 14.85 13.17 -8.67
C PHE B 33 14.49 12.70 -10.05
N LYS B 34 14.35 11.39 -10.20
CA LYS B 34 13.77 10.83 -11.41
C LYS B 34 12.29 10.74 -11.17
N VAL B 35 11.54 11.20 -12.15
CA VAL B 35 10.08 11.28 -12.09
C VAL B 35 9.42 10.87 -13.40
N VAL B 36 8.25 10.27 -13.25
CA VAL B 36 7.29 10.04 -14.35
C VAL B 36 6.45 11.32 -14.60
N PHE B 37 6.30 11.74 -15.85
CA PHE B 37 5.41 12.85 -16.18
C PHE B 37 4.09 12.23 -16.61
N ASP B 38 3.05 12.51 -15.81
CA ASP B 38 1.78 11.75 -15.80
C ASP B 38 0.54 12.59 -16.11
N THR B 39 0.03 12.49 -17.35
CA THR B 39 -1.24 13.12 -17.75
C THR B 39 -2.47 12.63 -16.97
N GLY B 40 -2.38 11.50 -16.27
CA GLY B 40 -3.52 10.97 -15.51
C GLY B 40 -3.64 11.42 -14.05
N SER B 41 -2.84 12.41 -13.66
CA SER B 41 -2.92 12.99 -12.31
C SER B 41 -2.41 14.42 -12.33
N SER B 42 -2.60 15.15 -11.24
CA SER B 42 -2.44 16.59 -11.27
C SER B 42 -1.50 17.16 -10.21
N ASN B 43 -0.92 16.30 -9.37
CA ASN B 43 -0.04 16.75 -8.30
C ASN B 43 1.41 16.37 -8.54
N VAL B 44 2.33 17.14 -7.94
CA VAL B 44 3.74 16.74 -7.79
C VAL B 44 4.00 16.04 -6.46
N TRP B 45 4.69 14.90 -6.52
CA TRP B 45 4.94 14.04 -5.35
C TRP B 45 6.40 13.58 -5.35
N VAL B 46 7.15 13.84 -4.27
CA VAL B 46 8.47 13.23 -4.06
C VAL B 46 8.56 12.67 -2.63
N PRO B 47 9.43 11.68 -2.40
CA PRO B 47 9.58 11.14 -1.04
C PRO B 47 10.26 12.17 -0.10
N SER B 48 9.86 12.18 1.17
CA SER B 48 10.36 13.13 2.16
C SER B 48 11.54 12.55 2.93
N SER B 49 12.52 13.37 3.27
CA SER B 49 13.49 12.96 4.30
C SER B 49 12.79 12.49 5.61
N LYS B 50 11.54 12.88 5.81
CA LYS B 50 10.74 12.38 6.96
C LYS B 50 10.10 11.00 6.73
N CYS B 51 10.42 10.37 5.60
CA CYS B 51 9.93 9.04 5.29
C CYS B 51 10.85 8.02 5.94
N SER B 52 10.35 7.34 6.96
CA SER B 52 11.14 6.37 7.70
C SER B 52 11.70 5.27 6.80
N ARG B 53 12.95 4.92 7.06
CA ARG B 53 13.63 3.93 6.25
C ARG B 53 13.23 2.51 6.66
N LEU B 54 12.34 2.41 7.66
CA LEU B 54 11.61 1.17 7.94
C LEU B 54 10.35 1.00 7.11
N TYR B 55 10.15 1.87 6.13
CA TYR B 55 9.13 1.68 5.07
C TYR B 55 9.86 1.24 3.80
N THR B 56 9.59 0.02 3.34
CA THR B 56 10.33 -0.51 2.19
C THR B 56 10.19 0.36 0.93
N ALA B 57 9.06 1.04 0.76
CA ALA B 57 8.87 1.93 -0.38
C ALA B 57 9.84 3.12 -0.32
N CYS B 58 10.34 3.40 0.88
CA CYS B 58 11.20 4.55 1.11
C CYS B 58 12.69 4.24 1.19
N VAL B 59 13.04 2.98 1.42
CA VAL B 59 14.43 2.67 1.73
C VAL B 59 15.45 2.94 0.60
N TYR B 60 15.08 2.70 -0.66
CA TYR B 60 16.06 2.80 -1.77
C TYR B 60 15.83 3.95 -2.76
N HIS B 61 15.02 4.91 -2.36
CA HIS B 61 14.73 6.06 -3.19
C HIS B 61 15.40 7.33 -2.68
N LYS B 62 15.58 8.29 -3.58
CA LYS B 62 15.96 9.66 -3.20
C LYS B 62 14.89 10.33 -2.32
N LEU B 63 15.33 11.07 -1.29
CA LEU B 63 14.45 11.82 -0.41
C LEU B 63 14.78 13.31 -0.39
N PHE B 64 13.77 14.16 -0.50
CA PHE B 64 13.96 15.62 -0.41
C PHE B 64 14.18 16.05 1.01
N ASP B 65 15.23 16.86 1.24
CA ASP B 65 15.53 17.34 2.59
C ASP B 65 15.43 18.88 2.65
N ALA B 66 14.30 19.38 3.14
CA ALA B 66 14.04 20.83 3.25
C ALA B 66 15.15 21.59 4.00
N SER B 67 15.78 20.92 4.96
CA SER B 67 16.79 21.57 5.78
C SER B 67 18.11 21.76 5.06
N ASP B 68 18.19 21.37 3.77
CA ASP B 68 19.34 21.66 2.90
C ASP B 68 18.94 22.65 1.83
N SER B 69 17.71 23.17 1.88
CA SER B 69 17.26 24.06 0.82
C SER B 69 17.01 25.49 1.33
N SER B 70 17.69 26.48 0.76
CA SER B 70 17.52 27.86 1.22
C SER B 70 16.25 28.55 0.70
N SER B 71 15.67 27.98 -0.37
CA SER B 71 14.45 28.52 -1.00
C SER B 71 13.15 27.82 -0.54
N TYR B 72 13.27 26.73 0.21
CA TYR B 72 12.09 26.10 0.83
C TYR B 72 11.18 27.10 1.57
N LYS B 73 9.87 26.95 1.39
CA LYS B 73 8.87 27.65 2.17
C LYS B 73 7.91 26.62 2.81
N HIS B 74 7.87 26.60 4.14
CA HIS B 74 7.08 25.64 4.91
C HIS B 74 5.56 25.82 4.73
N ASN B 75 4.83 24.72 4.63
CA ASN B 75 3.37 24.77 4.62
C ASN B 75 2.83 23.76 5.63
N GLY B 76 2.96 22.48 5.32
CA GLY B 76 2.71 21.42 6.29
C GLY B 76 1.30 20.88 6.32
N THR B 77 0.44 21.35 5.41
CA THR B 77 -0.92 20.83 5.29
C THR B 77 -0.87 19.39 4.83
N GLU B 78 -1.57 18.51 5.55
CA GLU B 78 -1.57 17.07 5.25
C GLU B 78 -2.36 16.78 3.97
N LEU B 79 -1.82 15.86 3.17
CA LEU B 79 -2.41 15.42 1.90
C LEU B 79 -2.44 13.89 1.81
N THR B 80 -3.47 13.35 1.18
CA THR B 80 -3.61 11.91 1.04
C THR B 80 -4.12 11.54 -0.36
N LEU B 81 -3.67 10.41 -0.86
CA LEU B 81 -4.16 9.82 -2.10
C LEU B 81 -4.45 8.36 -1.82
N ARG B 82 -5.72 7.96 -1.94
CA ARG B 82 -6.03 6.54 -1.73
C ARG B 82 -5.76 5.72 -2.98
N TYR B 83 -5.00 4.66 -2.77
CA TYR B 83 -4.53 3.79 -3.84
C TYR B 83 -5.07 2.38 -3.54
N SER B 84 -5.08 1.49 -4.51
CA SER B 84 -5.59 0.13 -4.26
C SER B 84 -4.83 -0.65 -3.18
N THR B 85 -3.53 -0.40 -3.02
CA THR B 85 -2.76 -1.14 -2.02
C THR B 85 -2.68 -0.45 -0.67
N GLY B 86 -3.30 0.73 -0.59
CA GLY B 86 -3.34 1.50 0.65
C GLY B 86 -3.25 2.97 0.35
N THR B 87 -2.98 3.78 1.36
CA THR B 87 -2.98 5.21 1.11
C THR B 87 -1.57 5.78 1.15
N VAL B 88 -1.26 6.71 0.25
CA VAL B 88 0.02 7.39 0.37
C VAL B 88 -0.30 8.72 1.04
N SER B 89 0.46 9.07 2.07
CA SER B 89 0.19 10.31 2.74
C SER B 89 1.47 11.13 2.83
N GLY B 90 1.28 12.45 2.86
CA GLY B 90 2.41 13.34 3.07
C GLY B 90 1.91 14.71 3.47
N PHE B 91 2.70 15.72 3.15
CA PHE B 91 2.38 17.09 3.52
C PHE B 91 2.90 18.07 2.45
N LEU B 92 2.28 19.23 2.38
CA LEU B 92 2.64 20.26 1.42
C LEU B 92 3.85 21.10 1.80
N SER B 93 4.64 21.45 0.79
CA SER B 93 5.83 22.26 0.95
C SER B 93 5.95 23.08 -0.31
N GLN B 94 6.67 24.21 -0.24
CA GLN B 94 6.95 24.98 -1.46
C GLN B 94 8.45 25.10 -1.75
N ASP B 95 8.83 25.01 -3.02
CA ASP B 95 10.23 25.26 -3.42
C ASP B 95 10.29 25.49 -4.92
N ILE B 96 11.47 25.87 -5.37
CA ILE B 96 11.78 26.07 -6.78
C ILE B 96 11.98 24.72 -7.45
N ILE B 97 11.34 24.51 -8.60
CA ILE B 97 11.52 23.28 -9.36
C ILE B 97 12.03 23.56 -10.77
N THR B 98 13.05 22.81 -11.14
CA THR B 98 13.69 22.96 -12.44
C THR B 98 13.29 21.79 -13.34
N VAL B 99 12.72 22.10 -14.51
CA VAL B 99 12.31 21.10 -15.52
C VAL B 99 12.86 21.58 -16.88
N GLY B 100 13.92 20.95 -17.37
CA GLY B 100 14.61 21.36 -18.59
C GLY B 100 14.75 22.86 -18.80
N GLY B 101 15.64 23.52 -18.09
CA GLY B 101 15.84 24.96 -18.37
C GLY B 101 14.70 25.89 -17.98
N ILE B 102 13.53 25.35 -17.65
CA ILE B 102 12.49 26.16 -17.02
C ILE B 102 12.53 25.96 -15.50
N THR B 103 12.37 27.05 -14.75
CA THR B 103 12.31 26.99 -13.31
C THR B 103 11.02 27.66 -12.81
N VAL B 104 10.30 27.00 -11.89
CA VAL B 104 9.02 27.49 -11.36
C VAL B 104 9.00 27.30 -9.86
N THR B 105 8.39 28.25 -9.15
CA THR B 105 7.99 28.05 -7.76
C THR B 105 6.72 27.20 -7.72
N GLN B 106 6.76 26.11 -6.94
CA GLN B 106 5.72 25.06 -7.01
C GLN B 106 5.42 24.49 -5.62
N MET B 107 4.13 24.31 -5.33
CA MET B 107 3.69 23.56 -4.15
C MET B 107 3.69 22.09 -4.55
N PHE B 108 4.36 21.29 -3.72
CA PHE B 108 4.45 19.86 -3.96
C PHE B 108 4.23 19.07 -2.68
N GLY B 109 3.87 17.79 -2.82
CA GLY B 109 3.67 16.90 -1.68
C GLY B 109 4.93 16.10 -1.36
N GLU B 110 5.35 16.15 -0.07
CA GLU B 110 6.46 15.38 0.48
C GLU B 110 5.91 14.10 1.12
N VAL B 111 6.29 12.95 0.60
CA VAL B 111 5.66 11.71 1.04
C VAL B 111 6.34 11.13 2.28
N THR B 112 5.53 10.85 3.29
CA THR B 112 6.09 10.28 4.51
C THR B 112 5.72 8.84 4.73
N GLU B 113 4.75 8.33 3.97
CA GLU B 113 4.33 6.92 4.10
C GLU B 113 3.62 6.43 2.85
N MET B 114 3.90 5.18 2.47
CA MET B 114 3.39 4.54 1.22
C MET B 114 3.31 3.03 1.36
N PRO B 115 2.34 2.41 0.65
CA PRO B 115 2.37 0.95 0.49
C PRO B 115 3.68 0.45 -0.14
N ALA B 116 4.13 -0.73 0.28
CA ALA B 116 5.33 -1.32 -0.26
C ALA B 116 5.18 -1.71 -1.74
N LEU B 117 4.00 -2.18 -2.15
CA LEU B 117 3.74 -2.51 -3.56
C LEU B 117 2.71 -1.56 -4.14
N PRO B 118 2.90 -1.08 -5.38
CA PRO B 118 3.99 -1.30 -6.33
C PRO B 118 5.18 -0.34 -6.13
N PHE B 119 5.08 0.57 -5.16
CA PHE B 119 6.05 1.64 -5.05
C PHE B 119 7.50 1.19 -4.94
N MET B 120 7.76 0.08 -4.26
CA MET B 120 9.15 -0.42 -4.14
C MET B 120 9.72 -0.89 -5.49
N LEU B 121 8.85 -1.19 -6.46
CA LEU B 121 9.33 -1.60 -7.80
C LEU B 121 9.59 -0.40 -8.73
N ALA B 122 9.26 0.80 -8.28
CA ALA B 122 9.51 1.98 -9.11
C ALA B 122 11.01 2.21 -9.25
N GLU B 123 11.48 2.38 -10.49
CA GLU B 123 12.88 2.78 -10.73
C GLU B 123 13.06 4.31 -10.61
N PHE B 124 11.95 5.03 -10.57
CA PHE B 124 11.93 6.48 -10.45
C PHE B 124 11.61 6.83 -8.96
N ASP B 125 11.84 8.10 -8.58
CA ASP B 125 11.64 8.57 -7.22
C ASP B 125 10.28 9.23 -6.99
N GLY B 126 9.66 9.80 -8.03
CA GLY B 126 8.40 10.53 -7.80
C GLY B 126 7.61 10.78 -9.05
N VAL B 127 6.64 11.68 -8.97
CA VAL B 127 5.67 11.87 -10.05
C VAL B 127 5.40 13.37 -10.27
N VAL B 128 5.41 13.79 -11.52
CA VAL B 128 4.99 15.14 -11.88
C VAL B 128 3.68 15.07 -12.68
N GLY B 129 2.57 15.43 -12.04
CA GLY B 129 1.24 15.33 -12.65
C GLY B 129 1.02 16.41 -13.68
N MET B 130 0.62 16.02 -14.89
CA MET B 130 0.45 16.95 -15.99
C MET B 130 -1.03 17.23 -16.28
N GLY B 131 -1.89 16.83 -15.34
CA GLY B 131 -3.33 17.11 -15.45
C GLY B 131 -3.78 18.49 -14.98
N PHE B 132 -5.10 18.67 -14.91
CA PHE B 132 -5.71 19.97 -14.67
C PHE B 132 -5.93 20.21 -13.18
N ILE B 133 -6.07 21.47 -12.78
CA ILE B 133 -6.39 21.78 -11.38
C ILE B 133 -7.69 21.12 -10.93
N GLU B 134 -8.64 20.93 -11.84
CA GLU B 134 -9.93 20.31 -11.46
C GLU B 134 -9.72 18.99 -10.73
N GLN B 135 -8.64 18.28 -11.03
CA GLN B 135 -8.32 16.99 -10.39
C GLN B 135 -7.16 17.01 -9.38
N ALA B 136 -6.72 18.19 -8.97
CA ALA B 136 -5.64 18.30 -8.01
C ALA B 136 -6.15 18.03 -6.59
N ILE B 137 -5.45 17.14 -5.90
CA ILE B 137 -5.69 16.90 -4.49
C ILE B 137 -5.33 18.16 -3.69
N GLY B 138 -6.25 18.58 -2.80
CA GLY B 138 -6.10 19.85 -2.06
C GLY B 138 -6.28 21.06 -2.96
N ARG B 139 -6.64 20.79 -4.22
CA ARG B 139 -6.78 21.82 -5.24
C ARG B 139 -5.53 22.70 -5.40
N VAL B 140 -4.35 22.11 -5.23
CA VAL B 140 -3.12 22.86 -5.40
C VAL B 140 -2.83 23.05 -6.88
N THR B 141 -2.34 24.25 -7.21
CA THR B 141 -2.01 24.63 -8.58
C THR B 141 -0.90 23.73 -9.20
N PRO B 142 -1.26 23.03 -10.29
CA PRO B 142 -0.42 22.03 -10.95
C PRO B 142 0.68 22.74 -11.70
N ILE B 143 1.75 22.01 -11.99
CA ILE B 143 2.97 22.59 -12.50
C ILE B 143 2.82 23.19 -13.87
N PHE B 144 2.08 22.55 -14.75
CA PHE B 144 1.94 23.15 -16.07
C PHE B 144 1.16 24.49 -16.05
N ASP B 145 0.21 24.63 -15.13
CA ASP B 145 -0.51 25.90 -14.89
C ASP B 145 0.46 27.01 -14.44
N ASN B 146 1.38 26.69 -13.53
CA ASN B 146 2.41 27.64 -13.14
C ASN B 146 3.33 28.02 -14.28
N ILE B 147 3.71 27.04 -15.11
CA ILE B 147 4.53 27.31 -16.29
C ILE B 147 3.80 28.22 -17.33
N ILE B 148 2.54 27.93 -17.62
CA ILE B 148 1.73 28.77 -18.52
C ILE B 148 1.68 30.24 -18.00
N SER B 149 1.50 30.42 -16.70
CA SER B 149 1.36 31.77 -16.18
C SER B 149 2.69 32.56 -16.10
N GLN B 150 3.80 31.93 -16.49
CA GLN B 150 5.08 32.63 -16.62
C GLN B 150 5.15 33.34 -17.96
N GLY B 151 4.29 32.90 -18.88
CA GLY B 151 4.20 33.47 -20.22
C GLY B 151 5.41 33.21 -21.08
N VAL B 152 6.20 32.18 -20.76
CA VAL B 152 7.46 31.93 -21.48
C VAL B 152 7.39 30.94 -22.67
N LEU B 153 6.33 30.13 -22.71
CA LEU B 153 6.23 29.04 -23.69
C LEU B 153 5.86 29.48 -25.12
N LYS B 154 6.42 28.80 -26.11
CA LYS B 154 6.12 29.04 -27.51
C LYS B 154 4.64 28.86 -27.84
N GLU B 155 4.04 27.78 -27.30
CA GLU B 155 2.60 27.49 -27.39
C GLU B 155 2.24 26.78 -26.10
N ASP B 156 0.98 26.84 -25.65
CA ASP B 156 0.63 26.20 -24.37
C ASP B 156 0.36 24.71 -24.60
N VAL B 157 1.39 24.01 -25.06
CA VAL B 157 1.27 22.56 -25.27
C VAL B 157 2.47 21.83 -24.67
N PHE B 158 2.34 20.52 -24.58
CA PHE B 158 3.48 19.64 -24.29
C PHE B 158 3.27 18.30 -25.00
N SER B 159 4.35 17.65 -25.39
CA SER B 159 4.28 16.46 -26.21
C SER B 159 5.25 15.34 -25.78
N PHE B 160 4.85 14.09 -26.01
CA PHE B 160 5.57 12.88 -25.54
C PHE B 160 5.93 11.96 -26.67
N TYR B 161 7.22 11.60 -26.71
CA TYR B 161 7.78 10.51 -27.49
C TYR B 161 8.27 9.41 -26.54
N TYR B 162 7.75 8.16 -26.68
CA TYR B 162 8.23 6.96 -25.97
C TYR B 162 8.85 5.95 -26.94
N ASN B 163 10.06 5.49 -26.68
CA ASN B 163 10.78 4.56 -27.59
C ASN B 163 10.51 3.11 -27.21
N ARG B 164 10.86 2.18 -28.10
CA ARG B 164 10.87 0.76 -27.79
C ARG B 164 12.13 0.48 -27.00
N ASP B 165 12.12 -0.55 -26.16
CA ASP B 165 13.30 -0.86 -25.34
C ASP B 165 14.49 -1.16 -26.23
N SER B 166 15.62 -0.55 -25.92
CA SER B 166 16.88 -0.96 -26.53
C SER B 166 17.88 -1.46 -25.49
N SER B 171 20.95 4.65 -27.10
CA SER B 171 19.58 4.85 -27.62
C SER B 171 18.79 5.80 -26.73
N LEU B 172 17.94 6.63 -27.34
CA LEU B 172 17.08 7.56 -26.62
C LEU B 172 15.85 6.84 -26.05
N GLY B 173 15.69 6.81 -24.75
CA GLY B 173 14.51 6.14 -24.14
C GLY B 173 13.15 6.81 -24.38
N GLY B 174 13.16 8.12 -24.60
CA GLY B 174 11.96 8.93 -24.84
C GLY B 174 12.26 10.39 -24.60
N GLN B 175 11.27 11.25 -24.82
CA GLN B 175 11.43 12.71 -24.72
C GLN B 175 10.08 13.39 -24.49
N ILE B 176 10.01 14.21 -23.45
CA ILE B 176 8.92 15.17 -23.30
C ILE B 176 9.39 16.58 -23.74
N VAL B 177 8.61 17.25 -24.58
CA VAL B 177 8.88 18.64 -24.95
C VAL B 177 7.82 19.55 -24.32
N LEU B 178 8.24 20.60 -23.63
CA LEU B 178 7.31 21.60 -23.12
C LEU B 178 7.24 22.78 -24.06
N GLY B 179 6.02 23.23 -24.37
CA GLY B 179 5.82 24.39 -25.24
C GLY B 179 5.84 24.16 -26.75
N GLY B 180 5.97 22.89 -27.17
CA GLY B 180 5.98 22.54 -28.60
C GLY B 180 5.98 21.05 -28.85
N SER B 181 6.42 20.68 -30.06
CA SER B 181 6.59 19.32 -30.54
C SER B 181 7.98 19.14 -31.11
N ASP B 182 8.36 17.89 -31.39
CA ASP B 182 9.64 17.60 -32.03
C ASP B 182 9.40 16.73 -33.26
N PRO B 183 9.44 17.36 -34.47
CA PRO B 183 9.21 16.72 -35.79
C PRO B 183 10.23 15.63 -36.14
N GLN B 184 11.36 15.58 -35.46
CA GLN B 184 12.26 14.43 -35.62
C GLN B 184 11.65 13.07 -35.20
N HIS B 185 10.60 13.09 -34.38
CA HIS B 185 10.14 11.83 -33.78
C HIS B 185 8.74 11.40 -34.21
N TYR B 186 8.13 12.16 -35.12
CA TYR B 186 6.92 11.72 -35.78
C TYR B 186 6.91 11.95 -37.29
N GLU B 187 5.91 11.36 -37.95
CA GLU B 187 5.78 11.38 -39.41
C GLU B 187 4.48 12.05 -39.77
N GLY B 188 4.51 12.88 -40.81
CA GLY B 188 3.31 13.50 -41.32
C GLY B 188 2.70 14.48 -40.34
N ASN B 189 1.37 14.54 -40.31
CA ASN B 189 0.68 15.58 -39.55
C ASN B 189 -0.19 15.05 -38.43
N PHE B 190 -0.33 15.86 -37.38
CA PHE B 190 -1.19 15.55 -36.29
C PHE B 190 -2.63 15.47 -36.76
N HIS B 191 -3.39 14.55 -36.17
N HIS B 191 -3.39 14.55 -36.17
CA HIS B 191 -4.83 14.52 -36.27
CA HIS B 191 -4.83 14.52 -36.27
C HIS B 191 -5.33 14.72 -34.85
C HIS B 191 -5.34 14.70 -34.85
N TYR B 192 -6.33 15.58 -34.67
CA TYR B 192 -6.76 15.98 -33.31
C TYR B 192 -8.16 15.58 -32.90
N ILE B 193 -8.33 15.37 -31.59
CA ILE B 193 -9.64 15.12 -30.98
C ILE B 193 -9.86 16.11 -29.83
N ASN B 194 -11.08 16.63 -29.70
CA ASN B 194 -11.42 17.49 -28.61
C ASN B 194 -11.62 16.66 -27.37
N LEU B 195 -11.23 17.23 -26.24
CA LEU B 195 -11.55 16.70 -24.95
C LEU B 195 -13.06 16.72 -24.80
N ILE B 196 -13.56 15.71 -24.11
CA ILE B 196 -14.95 15.65 -23.75
C ILE B 196 -15.33 16.83 -22.85
N LYS B 197 -14.45 17.15 -21.89
CA LYS B 197 -14.55 18.39 -21.12
C LYS B 197 -13.19 18.74 -20.53
N THR B 198 -12.96 20.02 -20.20
CA THR B 198 -11.79 20.38 -19.37
C THR B 198 -11.89 19.71 -18.01
N GLY B 199 -10.74 19.56 -17.39
CA GLY B 199 -10.64 18.88 -16.11
C GLY B 199 -9.82 17.62 -16.27
N VAL B 200 -9.84 17.02 -17.45
CA VAL B 200 -9.30 15.67 -17.62
C VAL B 200 -8.86 15.35 -19.07
N TRP B 201 -7.71 14.68 -19.21
CA TRP B 201 -7.18 14.40 -20.54
C TRP B 201 -7.87 13.16 -21.13
N GLN B 202 -9.17 13.31 -21.43
CA GLN B 202 -10.03 12.19 -21.86
C GLN B 202 -10.79 12.58 -23.11
N ILE B 203 -10.96 11.61 -24.01
CA ILE B 203 -11.60 11.83 -25.31
C ILE B 203 -12.63 10.72 -25.52
N GLN B 204 -13.61 10.97 -26.38
CA GLN B 204 -14.57 9.91 -26.73
C GLN B 204 -13.92 8.89 -27.68
N MET B 205 -14.21 7.60 -27.45
CA MET B 205 -13.75 6.53 -28.35
C MET B 205 -14.94 5.86 -29.06
N LYS B 206 -14.78 5.51 -30.33
CA LYS B 206 -15.93 5.06 -31.12
C LYS B 206 -16.03 3.56 -31.32
N GLY B 207 -14.95 2.85 -31.02
CA GLY B 207 -14.96 1.40 -31.13
C GLY B 207 -13.59 0.80 -31.11
N VAL B 208 -13.50 -0.43 -30.62
CA VAL B 208 -12.24 -1.18 -30.62
C VAL B 208 -12.40 -2.42 -31.49
N SER B 209 -11.62 -2.49 -32.57
CA SER B 209 -11.71 -3.60 -33.50
C SER B 209 -10.58 -4.61 -33.34
N VAL B 210 -10.92 -5.89 -33.44
CA VAL B 210 -9.93 -6.95 -33.53
C VAL B 210 -10.01 -7.46 -34.96
N GLY B 211 -8.89 -7.40 -35.67
CA GLY B 211 -8.85 -7.68 -37.11
C GLY B 211 -9.66 -6.69 -37.93
N SER B 212 -10.86 -7.10 -38.35
CA SER B 212 -11.75 -6.17 -39.05
C SER B 212 -13.13 -6.13 -38.41
N SER B 213 -13.36 -7.03 -37.45
CA SER B 213 -14.61 -7.05 -36.70
C SER B 213 -14.60 -6.05 -35.53
N THR B 214 -15.40 -4.97 -35.63
CA THR B 214 -15.59 -4.07 -34.49
C THR B 214 -16.27 -4.86 -33.36
N LEU B 215 -15.50 -5.23 -32.36
CA LEU B 215 -15.94 -6.17 -31.36
C LEU B 215 -16.44 -5.50 -30.09
N LEU B 216 -15.93 -4.29 -29.81
CA LEU B 216 -16.18 -3.65 -28.52
C LEU B 216 -16.44 -2.16 -28.69
N CYS B 217 -17.01 -1.56 -27.64
CA CYS B 217 -17.19 -0.11 -27.54
C CYS B 217 -17.96 0.45 -28.76
N GLU B 218 -18.86 -0.36 -29.30
CA GLU B 218 -19.63 -0.05 -30.50
C GLU B 218 -20.59 1.15 -30.33
N ASP B 219 -21.09 1.34 -29.11
CA ASP B 219 -21.97 2.45 -28.76
C ASP B 219 -21.23 3.62 -28.10
N GLY B 220 -19.90 3.61 -28.20
CA GLY B 220 -19.09 4.70 -27.67
C GLY B 220 -18.68 4.47 -26.24
N CYS B 221 -17.46 4.89 -25.92
CA CYS B 221 -16.91 4.70 -24.58
C CYS B 221 -15.88 5.81 -24.36
N LEU B 222 -15.27 5.84 -23.18
CA LEU B 222 -14.27 6.87 -22.90
C LEU B 222 -12.85 6.33 -23.00
N ALA B 223 -11.92 7.21 -23.39
CA ALA B 223 -10.48 6.90 -23.38
C ALA B 223 -9.69 8.00 -22.66
N LEU B 224 -9.06 7.67 -21.52
CA LEU B 224 -8.07 8.55 -20.82
C LEU B 224 -6.73 8.37 -21.53
N VAL B 225 -6.04 9.46 -21.85
CA VAL B 225 -4.74 9.32 -22.50
C VAL B 225 -3.71 9.59 -21.41
N ASP B 226 -3.15 8.49 -20.85
CA ASP B 226 -2.40 8.47 -19.59
C ASP B 226 -0.93 8.08 -19.78
N THR B 227 -0.05 9.08 -19.82
CA THR B 227 1.39 8.87 -20.06
C THR B 227 2.10 8.11 -18.93
N GLY B 228 1.45 8.07 -17.77
CA GLY B 228 1.96 7.36 -16.59
C GLY B 228 1.44 5.93 -16.40
N ALA B 229 0.61 5.45 -17.32
CA ALA B 229 0.18 4.05 -17.32
C ALA B 229 1.15 3.28 -18.23
N SER B 230 1.58 2.10 -17.80
CA SER B 230 2.50 1.27 -18.59
C SER B 230 1.82 0.62 -19.79
N TYR B 231 0.52 0.36 -19.67
CA TYR B 231 -0.19 -0.48 -20.63
C TYR B 231 -1.46 0.18 -21.16
N ILE B 232 -2.07 -0.43 -22.17
CA ILE B 232 -3.48 -0.11 -22.49
C ILE B 232 -4.34 -0.90 -21.53
N SER B 233 -5.33 -0.25 -20.91
CA SER B 233 -6.29 -0.94 -20.05
C SER B 233 -7.74 -0.68 -20.41
N GLY B 234 -8.58 -1.66 -20.09
CA GLY B 234 -10.01 -1.53 -20.19
C GLY B 234 -10.67 -2.06 -18.95
N SER B 235 -11.99 -2.00 -18.91
CA SER B 235 -12.74 -2.58 -17.80
C SER B 235 -12.48 -4.07 -17.80
N THR B 236 -12.66 -4.69 -16.64
CA THR B 236 -12.52 -6.13 -16.49
C THR B 236 -13.36 -6.93 -17.51
N SER B 237 -14.56 -6.46 -17.81
CA SER B 237 -15.46 -7.15 -18.74
C SER B 237 -15.08 -6.96 -20.19
N SER B 238 -14.64 -5.77 -20.55
CA SER B 238 -14.16 -5.49 -21.91
C SER B 238 -12.90 -6.30 -22.23
N ILE B 239 -11.94 -6.31 -21.30
CA ILE B 239 -10.70 -7.07 -21.52
C ILE B 239 -10.99 -8.58 -21.55
N GLU B 240 -11.96 -9.03 -20.76
CA GLU B 240 -12.47 -10.41 -20.91
C GLU B 240 -12.83 -10.73 -22.38
N LYS B 241 -13.70 -9.92 -22.99
CA LYS B 241 -14.10 -10.13 -24.39
C LYS B 241 -12.90 -10.05 -25.35
N LEU B 242 -12.03 -9.09 -25.11
CA LEU B 242 -10.85 -8.89 -25.97
C LEU B 242 -9.94 -10.11 -25.92
N MET B 243 -9.62 -10.57 -24.71
CA MET B 243 -8.69 -11.69 -24.52
C MET B 243 -9.25 -13.03 -25.00
N GLU B 244 -10.56 -13.21 -24.84
CA GLU B 244 -11.33 -14.28 -25.50
C GLU B 244 -10.98 -14.32 -27.00
N ALA B 245 -11.20 -13.21 -27.71
CA ALA B 245 -10.96 -13.12 -29.16
C ALA B 245 -9.51 -13.31 -29.58
N LEU B 246 -8.58 -13.12 -28.63
CA LEU B 246 -7.15 -13.29 -28.89
C LEU B 246 -6.65 -14.69 -28.53
N GLY B 247 -7.43 -15.41 -27.73
CA GLY B 247 -7.04 -16.73 -27.23
C GLY B 247 -6.06 -16.65 -26.08
N ALA B 248 -6.02 -15.50 -25.41
CA ALA B 248 -5.11 -15.28 -24.28
C ALA B 248 -5.66 -15.88 -23.00
N LYS B 249 -4.77 -16.22 -22.06
CA LYS B 249 -5.18 -16.90 -20.84
C LYS B 249 -4.88 -16.11 -19.58
N LYS B 250 -5.83 -16.15 -18.66
CA LYS B 250 -5.86 -15.25 -17.52
C LYS B 250 -4.97 -15.73 -16.36
N ARG B 251 -3.73 -16.09 -16.68
CA ARG B 251 -2.75 -16.46 -15.66
C ARG B 251 -2.49 -15.28 -14.73
N LEU B 252 -2.91 -15.43 -13.47
CA LEU B 252 -2.76 -14.39 -12.42
C LEU B 252 -3.21 -13.01 -12.92
N PHE B 253 -2.46 -11.97 -12.51
CA PHE B 253 -2.68 -10.57 -12.90
C PHE B 253 -2.26 -10.29 -14.35
N ASP B 254 -1.80 -11.33 -15.04
CA ASP B 254 -1.44 -11.21 -16.44
C ASP B 254 -2.52 -11.82 -17.30
N TYR B 255 -2.37 -11.59 -18.60
CA TYR B 255 -2.93 -12.41 -19.63
C TYR B 255 -1.75 -12.83 -20.51
N VAL B 256 -1.74 -14.10 -20.92
CA VAL B 256 -0.61 -14.68 -21.64
C VAL B 256 -1.09 -15.52 -22.82
N VAL B 257 -0.25 -15.60 -23.84
CA VAL B 257 -0.39 -16.58 -24.90
C VAL B 257 0.89 -17.41 -24.92
N LYS B 258 0.86 -18.54 -25.61
CA LYS B 258 2.05 -19.32 -25.88
C LYS B 258 2.89 -18.56 -26.89
N CYS B 259 4.19 -18.48 -26.65
CA CYS B 259 5.10 -17.62 -27.43
C CYS B 259 5.12 -17.85 -28.93
N ASN B 260 4.94 -19.09 -29.35
CA ASN B 260 4.91 -19.35 -30.79
C ASN B 260 3.70 -18.70 -31.50
N GLU B 261 2.64 -18.41 -30.74
CA GLU B 261 1.44 -17.79 -31.27
C GLU B 261 1.41 -16.25 -31.31
N GLY B 262 2.39 -15.61 -30.67
CA GLY B 262 2.50 -14.14 -30.68
C GLY B 262 2.52 -13.53 -32.08
N PRO B 263 3.40 -14.02 -32.97
CA PRO B 263 3.58 -13.39 -34.29
C PRO B 263 2.36 -13.43 -35.25
N THR B 264 1.37 -14.28 -34.95
CA THR B 264 0.18 -14.42 -35.77
C THR B 264 -1.08 -13.89 -35.07
N LEU B 265 -0.92 -13.20 -33.93
CA LEU B 265 -2.05 -12.51 -33.27
C LEU B 265 -2.60 -11.41 -34.18
N PRO B 266 -3.92 -11.16 -34.12
CA PRO B 266 -4.56 -10.17 -34.99
C PRO B 266 -4.28 -8.70 -34.59
N ASP B 267 -4.32 -7.78 -35.55
CA ASP B 267 -4.35 -6.32 -35.28
C ASP B 267 -5.48 -5.88 -34.31
N ILE B 268 -5.19 -4.89 -33.47
CA ILE B 268 -6.20 -4.30 -32.59
C ILE B 268 -6.29 -2.81 -32.96
N SER B 269 -7.49 -2.31 -33.19
CA SER B 269 -7.66 -0.96 -33.74
C SER B 269 -8.56 -0.15 -32.86
N PHE B 270 -8.21 1.13 -32.63
CA PHE B 270 -9.00 2.04 -31.80
C PHE B 270 -9.50 3.20 -32.65
N HIS B 271 -10.82 3.39 -32.71
CA HIS B 271 -11.44 4.39 -33.55
C HIS B 271 -11.50 5.72 -32.78
N LEU B 272 -10.63 6.67 -33.13
CA LEU B 272 -10.53 7.95 -32.42
C LEU B 272 -10.63 9.11 -33.42
N GLY B 273 -11.51 10.07 -33.15
CA GLY B 273 -11.78 11.15 -34.10
C GLY B 273 -12.21 10.53 -35.41
N GLY B 274 -11.64 10.97 -36.51
CA GLY B 274 -12.08 10.39 -37.79
C GLY B 274 -11.24 9.22 -38.30
N LYS B 275 -10.45 8.61 -37.41
CA LYS B 275 -9.32 7.74 -37.80
C LYS B 275 -9.29 6.45 -37.00
N GLU B 276 -8.72 5.39 -37.58
CA GLU B 276 -8.41 4.15 -36.88
C GLU B 276 -6.91 4.10 -36.55
N TYR B 277 -6.64 3.77 -35.30
CA TYR B 277 -5.27 3.72 -34.76
C TYR B 277 -5.00 2.25 -34.48
N THR B 278 -4.14 1.67 -35.30
CA THR B 278 -3.95 0.22 -35.31
C THR B 278 -2.64 -0.22 -34.68
N LEU B 279 -2.77 -1.19 -33.77
CA LEU B 279 -1.62 -1.88 -33.18
C LEU B 279 -1.50 -3.32 -33.71
N THR B 280 -0.33 -3.68 -34.23
CA THR B 280 -0.08 -5.08 -34.63
C THR B 280 0.52 -5.87 -33.44
N SER B 281 0.58 -7.20 -33.55
CA SER B 281 1.11 -8.06 -32.51
C SER B 281 2.48 -7.60 -31.99
N ALA B 282 3.34 -7.14 -32.90
CA ALA B 282 4.64 -6.55 -32.54
C ALA B 282 4.55 -5.35 -31.56
N ASP B 283 3.40 -4.68 -31.54
CA ASP B 283 3.17 -3.51 -30.67
C ASP B 283 2.63 -3.87 -29.29
N TYR B 284 2.09 -5.08 -29.12
CA TYR B 284 1.44 -5.45 -27.85
C TYR B 284 1.80 -6.81 -27.22
N VAL B 285 2.68 -7.58 -27.87
CA VAL B 285 3.23 -8.83 -27.31
C VAL B 285 4.69 -8.70 -26.90
N PHE B 286 4.96 -8.96 -25.62
CA PHE B 286 6.34 -9.11 -25.15
C PHE B 286 6.92 -10.44 -25.70
N GLN B 287 7.62 -10.36 -26.83
CA GLN B 287 8.11 -11.54 -27.55
C GLN B 287 9.48 -11.95 -27.00
N GLU B 288 9.44 -12.69 -25.90
CA GLU B 288 10.63 -12.99 -25.13
C GLU B 288 11.22 -14.31 -25.60
N SER B 289 10.44 -15.03 -26.39
CA SER B 289 10.82 -16.35 -26.89
C SER B 289 9.96 -16.60 -28.14
N TYR B 290 10.34 -17.60 -28.95
CA TYR B 290 9.42 -18.12 -29.97
C TYR B 290 8.98 -19.57 -29.73
N SER B 291 9.34 -20.12 -28.56
CA SER B 291 9.01 -21.50 -28.22
C SER B 291 7.57 -21.73 -27.75
N SER B 292 7.00 -22.84 -28.21
CA SER B 292 5.64 -23.28 -27.83
C SER B 292 5.59 -23.78 -26.38
N LYS B 293 6.76 -24.03 -25.81
CA LYS B 293 6.86 -24.44 -24.42
C LYS B 293 6.99 -23.23 -23.48
N LYS B 294 6.84 -22.03 -24.02
CA LYS B 294 6.88 -20.80 -23.20
C LYS B 294 5.63 -19.92 -23.32
N LEU B 295 5.30 -19.22 -22.21
CA LEU B 295 4.20 -18.26 -22.17
C LEU B 295 4.73 -16.82 -22.28
N CYS B 296 4.08 -16.02 -23.13
CA CYS B 296 4.47 -14.66 -23.46
C CYS B 296 3.40 -13.69 -22.96
N THR B 297 3.80 -12.59 -22.32
CA THR B 297 2.79 -11.65 -21.76
C THR B 297 2.35 -10.56 -22.74
N LEU B 298 1.16 -10.00 -22.50
CA LEU B 298 0.55 -8.98 -23.34
C LEU B 298 0.57 -7.62 -22.64
N ALA B 299 0.86 -6.57 -23.42
CA ALA B 299 0.93 -5.18 -22.91
C ALA B 299 -0.43 -4.47 -22.80
N ILE B 300 -1.46 -5.26 -22.47
CA ILE B 300 -2.87 -4.86 -22.29
C ILE B 300 -3.41 -5.52 -21.01
N HIS B 301 -3.99 -4.76 -20.08
CA HIS B 301 -4.40 -5.29 -18.79
C HIS B 301 -5.81 -4.81 -18.42
N ALA B 302 -6.42 -5.44 -17.41
CA ALA B 302 -7.72 -4.99 -16.91
C ALA B 302 -7.57 -4.02 -15.73
N MET B 303 -8.25 -2.89 -15.81
CA MET B 303 -8.24 -1.90 -14.73
C MET B 303 -9.59 -1.21 -14.67
N ASP B 304 -10.27 -1.38 -13.54
CA ASP B 304 -11.56 -0.74 -13.32
C ASP B 304 -11.32 0.61 -12.65
N ILE B 305 -11.27 1.66 -13.46
CA ILE B 305 -11.02 3.02 -12.98
C ILE B 305 -12.32 3.61 -12.44
N PRO B 306 -12.35 3.98 -11.16
CA PRO B 306 -13.60 4.41 -10.49
C PRO B 306 -13.99 5.84 -10.87
N PRO B 307 -15.29 6.23 -10.67
CA PRO B 307 -15.73 7.61 -10.91
C PRO B 307 -15.02 8.61 -10.00
N PRO B 308 -14.97 9.90 -10.41
CA PRO B 308 -15.55 10.53 -11.60
C PRO B 308 -14.97 10.08 -12.94
N THR B 309 -13.67 9.74 -12.98
CA THR B 309 -12.97 9.48 -14.24
C THR B 309 -13.48 8.25 -15.00
N GLY B 310 -13.66 7.15 -14.28
CA GLY B 310 -14.10 5.91 -14.87
C GLY B 310 -15.60 5.68 -14.80
N PRO B 311 -16.06 4.47 -15.21
CA PRO B 311 -15.31 3.48 -15.99
C PRO B 311 -14.79 4.04 -17.32
N THR B 312 -13.55 3.73 -17.67
CA THR B 312 -12.88 4.28 -18.87
C THR B 312 -11.76 3.35 -19.33
N TRP B 313 -11.47 3.35 -20.64
CA TRP B 313 -10.19 2.83 -21.15
C TRP B 313 -9.08 3.83 -20.84
N ALA B 314 -7.85 3.32 -20.78
CA ALA B 314 -6.68 4.15 -20.61
C ALA B 314 -5.71 3.79 -21.72
N LEU B 315 -5.30 4.81 -22.47
CA LEU B 315 -4.28 4.62 -23.48
C LEU B 315 -2.91 5.04 -22.95
N GLY B 316 -2.13 4.07 -22.49
CA GLY B 316 -0.79 4.28 -21.87
C GLY B 316 0.43 4.08 -22.76
N ALA B 317 1.56 3.71 -22.17
CA ALA B 317 2.83 3.57 -22.93
C ALA B 317 2.74 2.67 -24.16
N THR B 318 1.99 1.56 -24.07
CA THR B 318 1.77 0.70 -25.21
C THR B 318 1.28 1.45 -26.46
N PHE B 319 0.32 2.35 -26.25
CA PHE B 319 -0.25 3.17 -27.31
C PHE B 319 0.67 4.34 -27.71
N ILE B 320 1.26 5.00 -26.72
CA ILE B 320 2.10 6.19 -26.99
C ILE B 320 3.39 5.85 -27.74
N ARG B 321 3.95 4.66 -27.46
CA ARG B 321 5.12 4.20 -28.23
C ARG B 321 4.86 4.24 -29.74
N LYS B 322 3.67 3.84 -30.13
CA LYS B 322 3.32 3.83 -31.56
C LYS B 322 2.92 5.22 -32.09
N PHE B 323 2.21 5.99 -31.27
CA PHE B 323 1.67 7.28 -31.73
C PHE B 323 2.21 8.45 -30.90
N TYR B 324 3.12 9.22 -31.49
CA TYR B 324 3.63 10.44 -30.85
C TYR B 324 2.43 11.29 -30.40
N THR B 325 2.42 11.74 -29.14
CA THR B 325 1.26 12.44 -28.60
C THR B 325 1.45 13.90 -28.16
N GLU B 326 0.58 14.79 -28.64
CA GLU B 326 0.56 16.19 -28.18
C GLU B 326 -0.67 16.58 -27.36
N PHE B 327 -0.44 17.17 -26.18
CA PHE B 327 -1.52 17.61 -25.29
C PHE B 327 -1.64 19.13 -25.32
N ASP B 328 -2.78 19.66 -25.75
CA ASP B 328 -2.87 21.08 -26.06
C ASP B 328 -3.82 21.78 -25.16
N ARG B 329 -3.30 22.61 -24.25
CA ARG B 329 -4.15 23.35 -23.30
C ARG B 329 -4.84 24.57 -23.89
N ARG B 330 -4.25 25.20 -24.90
CA ARG B 330 -4.89 26.39 -25.48
C ARG B 330 -6.27 26.02 -26.06
N ASN B 331 -6.29 24.92 -26.82
CA ASN B 331 -7.46 24.51 -27.59
C ASN B 331 -8.27 23.35 -27.00
N ASN B 332 -7.83 22.80 -25.86
CA ASN B 332 -8.45 21.62 -25.20
C ASN B 332 -8.65 20.41 -26.10
N ARG B 333 -7.54 19.91 -26.64
CA ARG B 333 -7.53 18.79 -27.57
C ARG B 333 -6.27 17.95 -27.38
N ILE B 334 -6.29 16.73 -27.90
CA ILE B 334 -5.08 15.85 -27.98
C ILE B 334 -4.80 15.54 -29.43
N GLY B 335 -3.54 15.60 -29.84
CA GLY B 335 -3.20 15.29 -31.22
C GLY B 335 -2.32 14.05 -31.32
N PHE B 336 -2.58 13.19 -32.30
CA PHE B 336 -1.71 12.01 -32.53
C PHE B 336 -1.06 12.01 -33.90
N ALA B 337 0.18 11.54 -33.95
CA ALA B 337 0.92 11.39 -35.20
C ALA B 337 1.69 10.06 -35.16
N LEU B 338 2.02 9.46 -36.30
CA LEU B 338 2.81 8.20 -36.26
C LEU B 338 4.22 8.50 -35.74
N ALA B 339 4.64 7.81 -34.67
CA ALA B 339 6.00 7.99 -34.13
C ALA B 339 7.03 7.41 -35.10
N ARG B 340 8.12 8.13 -35.31
CA ARG B 340 9.20 7.53 -36.08
C ARG B 340 10.34 7.07 -35.17
N HIS B 341 10.59 5.76 -35.17
CA HIS B 341 11.78 5.19 -34.57
C HIS B 341 12.71 4.81 -35.73
O26 A7T C . -3.81 -12.07 10.60
C23 A7T C . -2.84 -12.22 11.33
N27 A7T C . -1.61 -11.87 10.87
C32 A7T C . -1.42 -11.39 9.50
C36 A7T C . -1.75 -9.99 9.08
C38 A7T C . -2.26 -9.04 9.98
C41 A7T C . -2.52 -7.75 9.51
C42 A7T C . -2.28 -7.42 8.17
C39 A7T C . -1.75 -8.36 7.29
C43 A7T C . -1.46 -8.01 5.83
C37 A7T C . -1.49 -9.64 7.75
C40 A7T C . -0.93 -10.67 6.80
C31 A7T C . -0.31 -12.03 11.55
C35 A7T C . -0.33 -11.41 12.94
C34 A7T C . 0.25 -10.62 11.77
C21 A7T C . -3.05 -12.81 12.67
C24 A7T C . -3.91 -12.07 13.67
N28 A7T C . -3.61 -12.54 15.02
C29 A7T C . -5.39 -12.32 13.40
N33 A7T C . -5.72 -13.70 13.78
C30 A7T C . -5.20 -14.37 14.96
C25 A7T C . -3.76 -13.96 15.25
C22 A7T C . -2.82 -14.72 14.33
C20 A7T C . -2.55 -14.02 13.00
C19 A7T C . -1.68 -14.80 12.04
C17 A7T C . -0.48 -15.32 12.52
C15 A7T C . 0.37 -16.04 11.70
C18 A7T C . -2.03 -15.00 10.69
C16 A7T C . -1.17 -15.72 9.86
C14 A7T C . 0.02 -16.24 10.36
O13 A7T C . 0.86 -16.94 9.55
C12 A7T C . 2.23 -17.17 9.87
C8 A7T C . 3.09 -16.70 8.70
O5 A7T C . 3.77 -15.51 9.04
C3 A7T C . 4.07 -14.59 8.07
C6 A7T C . 3.18 -13.45 7.80
CL9 A7T C . 1.65 -13.21 8.72
C10 A7T C . 3.55 -12.55 6.80
C7 A7T C . 4.72 -12.70 6.06
C11 A7T C . 5.09 -11.72 4.99
C4 A7T C . 5.59 -13.76 6.29
C2 A7T C . 5.31 -14.71 7.27
CL1 A7T C . 6.48 -16.04 7.52
C1 NAG D . 14.73 0.28 39.19
C2 NAG D . 14.78 1.08 40.51
C3 NAG D . 14.33 2.54 40.33
C4 NAG D . 15.01 3.20 39.13
C5 NAG D . 14.84 2.30 37.90
C6 NAG D . 15.54 2.91 36.69
C7 NAG D . 14.49 -0.33 42.50
C8 NAG D . 13.60 -1.44 42.99
N2 NAG D . 13.97 0.45 41.54
O3 NAG D . 14.62 3.29 41.50
O4 NAG D . 14.47 4.48 38.89
O5 NAG D . 15.40 1.03 38.18
O6 NAG D . 14.70 3.89 36.13
O7 NAG D . 15.62 -0.19 42.97
C1 NAG E . 13.37 -30.93 16.57
C2 NAG E . 12.51 -31.25 17.81
C3 NAG E . 12.85 -32.61 18.45
C4 NAG E . 13.12 -33.69 17.40
C5 NAG E . 14.14 -33.08 16.44
C6 NAG E . 14.80 -33.97 15.40
C7 NAG E . 11.49 -29.92 19.63
C8 NAG E . 11.75 -29.60 21.08
N2 NAG E . 12.56 -30.23 18.87
O3 NAG E . 11.77 -32.95 19.30
O4 NAG E . 13.58 -34.90 17.96
O5 NAG E . 13.41 -32.09 15.77
O6 NAG E . 15.93 -33.27 14.90
O7 NAG E . 10.32 -29.87 19.21
O26 A7T F . 0.16 4.08 -11.38
C23 A7T F . 0.54 5.24 -11.45
N27 A7T F . 1.80 5.52 -11.07
C32 A7T F . 2.69 4.53 -10.44
C36 A7T F . 3.45 3.46 -11.20
C38 A7T F . 3.33 3.38 -12.59
C41 A7T F . 4.04 2.41 -13.28
C42 A7T F . 4.88 1.54 -12.60
C39 A7T F . 5.01 1.62 -11.22
C43 A7T F . 5.95 0.66 -10.53
C37 A7T F . 4.30 2.59 -10.52
C40 A7T F . 4.46 2.68 -9.03
C31 A7T F . 2.37 6.90 -11.08
C35 A7T F . 2.56 7.35 -12.52
C34 A7T F . 3.75 6.85 -11.73
C21 A7T F . -0.41 6.23 -11.96
C24 A7T F . -0.89 6.14 -13.39
N28 A7T F . -1.50 7.38 -13.84
C29 A7T F . -2.00 5.08 -13.47
N33 A7T F . -3.14 5.54 -12.68
C30 A7T F . -3.72 6.85 -12.88
C25 A7T F . -2.58 7.88 -12.98
C22 A7T F . -2.05 8.12 -11.56
C20 A7T F . -0.93 7.20 -11.12
C19 A7T F . -0.39 7.46 -9.70
C17 A7T F . -0.22 6.44 -8.77
C15 A7T F . 0.30 6.70 -7.49
C18 A7T F . -0.03 8.76 -9.29
C16 A7T F . 0.49 9.05 -8.02
C14 A7T F . 0.66 8.00 -7.10
O13 A7T F . 1.17 8.20 -5.84
C12 A7T F . 1.95 9.38 -5.52
C8 A7T F . 3.31 9.00 -4.95
O5 A7T F . 4.26 9.03 -6.01
C3 A7T F . 5.38 8.23 -5.91
C6 A7T F . 5.54 7.06 -6.77
CL9 A7T F . 4.24 6.76 -7.96
C10 A7T F . 6.67 6.26 -6.66
C7 A7T F . 7.65 6.54 -5.71
C11 A7T F . 8.87 5.67 -5.58
C4 A7T F . 7.55 7.64 -4.87
C2 A7T F . 6.46 8.49 -4.93
CL1 A7T F . 6.37 9.89 -3.85
C1 NAG G . -0.74 25.76 2.50
C2 NAG G . -1.48 26.62 3.52
C3 NAG G . -2.96 26.90 3.21
C4 NAG G . -3.35 26.95 1.73
C5 NAG G . -2.44 26.14 0.80
C6 NAG G . -2.58 26.70 -0.62
C7 NAG G . -0.75 26.63 5.84
C8 NAG G . -0.48 25.84 7.09
N2 NAG G . -1.38 26.02 4.84
O3 NAG G . -3.30 28.17 3.71
O4 NAG G . -4.69 26.54 1.60
O5 NAG G . -1.07 26.24 1.20
O6 NAG G . -2.56 25.65 -1.57
O7 NAG G . -0.38 27.80 5.78
#